data_8VJV
#
_entry.id   8VJV
#
_cell.length_a   143.168
_cell.length_b   60.116
_cell.length_c   95.734
_cell.angle_alpha   90.000
_cell.angle_beta   90.000
_cell.angle_gamma   90.000
#
_symmetry.space_group_name_H-M   'P 21 21 2'
#
loop_
_entity.id
_entity.type
_entity.pdbx_description
1 polymer 'Neurolysin, mitochondrial'
2 polymer 'Dynorphin A(1-8)'
3 non-polymer 'ZINC ION'
4 non-polymer 1,2-ETHANEDIOL
5 non-polymer 'CHLORIDE ION'
6 water water
#
loop_
_entity_poly.entity_id
_entity_poly.type
_entity_poly.pdbx_seq_one_letter_code
_entity_poly.pdbx_strand_id
1 'polypeptide(L)'
;SSYTVAGRNVLRWDLSPEQIKTRTEELIVQTKQVYDAVGMLGIEEVTYENCLQALADVEVKYIVERTMLDFPQHVSSDKE
VRAASTEADKRLSRFDIEMSMRGDIFERIVHLQETCDLGKIKPEARRYLEKSIKMGKRNGLHLPEQVQNEIKSMKKRMSE
LCIDFNKNLNEDDTFLVFSKAELGALPDDFIDSLEKTDDDKYKITLKYPHYFPVMKKCCIPETRRRMEMAFNTRCKEENT
IILQQLLPLRTKVAKLLGYSTHADFVLEMNTAKSTSRVTAFLDDLSQKLKPLGEAEREFILNLKKKECKDRGFEYDGKIN
AWDLYYYMTQTEELKYSIDQEFLKEYFPIEVVTEGLLNTYQELLGLSFEQMTDAHVWNKSVTLYTVKDKATGEVLGQFYL
DLYPREGKYNHAACFGLQPGCLLPDGSRMMAVAALVVNFSQPVAGRPSLLRHDEVRTYFHEFGHVMHQICAQTDFARFSG
TNVETDFVEVPSQMLENWVWDVDSLRRLSKHYKDGSPIADDLLEKLVASRLVNTGLLTLRQIVLSKVDQSLHTNTSLDAA
SEYAKYCSEILGVAATPGTNMPATFGHLAGGYDGQYYGYLWSEVFSMDMFYSCFKKEGIMNPEVGMKYRNLILKPGGSLD
GMDMLHNFLKREPNQKAFLMSRGLHAP
;
A
2 'polypeptide(L)' YGGFLRRI D
#
loop_
_chem_comp.id
_chem_comp.type
_chem_comp.name
_chem_comp.formula
CL non-polymer 'CHLORIDE ION' 'Cl -1'
EDO non-polymer 1,2-ETHANEDIOL 'C2 H6 O2'
ZN non-polymer 'ZINC ION' 'Zn 2'
#
# COMPACT_ATOMS: atom_id res chain seq x y z
N SER A 1 28.76 10.46 5.88
CA SER A 1 29.42 10.08 4.65
C SER A 1 28.54 9.17 3.80
N SER A 2 28.62 9.34 2.48
CA SER A 2 27.85 8.52 1.56
C SER A 2 28.37 7.09 1.46
N TYR A 3 29.48 6.77 2.13
CA TYR A 3 30.05 5.42 2.10
C TYR A 3 30.12 4.80 3.49
N THR A 4 29.55 5.46 4.50
CA THR A 4 29.45 4.92 5.84
C THR A 4 27.98 4.70 6.19
N VAL A 5 27.75 4.10 7.35
CA VAL A 5 26.40 3.76 7.78
C VAL A 5 26.16 4.24 9.21
N ALA A 6 27.23 4.33 10.00
CA ALA A 6 27.10 4.69 11.40
C ALA A 6 26.68 6.15 11.56
N GLY A 7 25.65 6.38 12.38
CA GLY A 7 25.17 7.72 12.64
C GLY A 7 24.19 8.26 11.64
N ARG A 8 23.98 7.58 10.50
CA ARG A 8 23.08 8.09 9.47
C ARG A 8 21.63 7.67 9.69
N ASN A 9 21.38 6.70 10.56
CA ASN A 9 20.03 6.30 10.94
C ASN A 9 19.77 6.91 12.31
N VAL A 10 19.03 8.02 12.33
CA VAL A 10 18.82 8.79 13.55
C VAL A 10 17.52 8.39 14.25
N LEU A 11 16.95 7.26 13.84
CA LEU A 11 15.66 6.83 14.33
C LEU A 11 15.81 6.09 15.65
N ARG A 12 15.04 6.52 16.65
CA ARG A 12 14.97 5.87 17.95
C ARG A 12 13.63 5.16 18.09
N TRP A 13 13.66 3.94 18.64
CA TRP A 13 12.46 3.14 18.81
C TRP A 13 12.20 2.75 20.25
N ASP A 14 12.78 3.48 21.21
CA ASP A 14 12.62 3.21 22.63
C ASP A 14 11.92 4.36 23.35
N LEU A 15 11.10 5.10 22.63
CA LEU A 15 10.42 6.27 23.21
C LEU A 15 9.26 5.82 24.09
N SER A 16 9.17 6.43 25.26
CA SER A 16 8.04 6.19 26.15
C SER A 16 6.85 7.03 25.71
N PRO A 17 5.64 6.73 26.19
CA PRO A 17 4.49 7.59 25.88
C PRO A 17 4.70 9.03 26.30
N GLU A 18 5.40 9.28 27.41
CA GLU A 18 5.66 10.64 27.85
C GLU A 18 6.64 11.35 26.92
N GLN A 19 7.62 10.61 26.40
CA GLN A 19 8.60 11.21 25.49
C GLN A 19 8.00 11.50 24.13
N ILE A 20 7.09 10.64 23.65
CA ILE A 20 6.40 10.91 22.39
C ILE A 20 5.62 12.20 22.48
N LYS A 21 4.90 12.41 23.58
CA LYS A 21 4.12 13.63 23.75
C LYS A 21 5.02 14.84 23.91
N THR A 22 6.14 14.69 24.61
CA THR A 22 7.07 15.80 24.80
C THR A 22 7.76 16.17 23.48
N ARG A 23 8.24 15.17 22.74
CA ARG A 23 8.88 15.43 21.46
C ARG A 23 7.91 16.05 20.46
N THR A 24 6.62 15.70 20.55
CA THR A 24 5.63 16.28 19.66
C THR A 24 5.52 17.79 19.88
N GLU A 25 5.45 18.20 21.14
CA GLU A 25 5.37 19.62 21.45
C GLU A 25 6.64 20.35 21.02
N GLU A 26 7.80 19.74 21.27
CA GLU A 26 9.07 20.35 20.88
C GLU A 26 9.18 20.48 19.36
N LEU A 27 8.74 19.46 18.63
CA LEU A 27 8.80 19.51 17.17
C LEU A 27 7.93 20.63 16.61
N ILE A 28 6.75 20.83 17.21
CA ILE A 28 5.84 21.86 16.72
C ILE A 28 6.40 23.25 17.00
N VAL A 29 6.99 23.45 18.18
CA VAL A 29 7.53 24.76 18.54
C VAL A 29 8.73 25.10 17.66
N GLN A 30 9.65 24.15 17.48
CA GLN A 30 10.85 24.43 16.69
C GLN A 30 10.55 24.60 15.21
N THR A 31 9.57 23.86 14.69
CA THR A 31 9.22 23.98 13.28
C THR A 31 8.48 25.28 13.01
N LYS A 32 7.60 25.69 13.92
CA LYS A 32 6.86 26.93 13.73
C LYS A 32 7.77 28.15 13.77
N GLN A 33 8.88 28.06 14.49
CA GLN A 33 9.84 29.18 14.52
C GLN A 33 10.48 29.39 13.15
N VAL A 34 10.65 28.33 12.37
CA VAL A 34 11.19 28.48 11.01
C VAL A 34 10.16 29.16 10.11
N TYR A 35 8.90 28.69 10.17
CA TYR A 35 7.86 29.30 9.35
C TYR A 35 7.59 30.74 9.77
N ASP A 36 7.67 31.03 11.07
CA ASP A 36 7.45 32.39 11.54
C ASP A 36 8.57 33.32 11.07
N ALA A 37 9.81 32.82 11.05
CA ALA A 37 10.93 33.65 10.60
C ALA A 37 10.81 33.98 9.11
N VAL A 38 10.39 33.01 8.31
CA VAL A 38 10.18 33.27 6.88
C VAL A 38 9.02 34.22 6.68
N GLY A 39 7.95 34.06 7.46
CA GLY A 39 6.79 34.92 7.33
C GLY A 39 7.05 36.36 7.73
N MET A 40 8.02 36.58 8.61
CA MET A 40 8.36 37.94 9.04
C MET A 40 9.23 38.67 8.03
N LEU A 41 9.84 37.95 7.08
CA LEU A 41 10.67 38.59 6.07
C LEU A 41 9.82 39.49 5.18
N GLY A 42 10.40 40.61 4.76
CA GLY A 42 9.73 41.46 3.79
C GLY A 42 9.61 40.78 2.44
N ILE A 43 8.57 41.15 1.70
CA ILE A 43 8.31 40.53 0.41
C ILE A 43 9.48 40.81 -0.54
N GLU A 44 10.01 42.03 -0.53
CA GLU A 44 11.17 42.39 -1.33
C GLU A 44 12.48 41.98 -0.67
N GLU A 45 12.44 41.16 0.37
CA GLU A 45 13.63 40.72 1.07
C GLU A 45 13.91 39.23 0.91
N VAL A 46 12.94 38.46 0.41
CA VAL A 46 13.12 37.01 0.32
C VAL A 46 14.14 36.67 -0.77
N THR A 47 14.94 35.64 -0.51
CA THR A 47 15.91 35.14 -1.48
C THR A 47 15.82 33.63 -1.55
N TYR A 48 16.78 32.99 -2.23
CA TYR A 48 16.80 31.54 -2.30
C TYR A 48 17.20 30.93 -0.95
N GLU A 49 18.05 31.62 -0.18
CA GLU A 49 18.59 31.06 1.04
C GLU A 49 17.71 31.31 2.25
N ASN A 50 17.05 32.46 2.35
CA ASN A 50 16.22 32.76 3.50
C ASN A 50 14.78 32.29 3.35
N CYS A 51 14.42 31.75 2.18
CA CYS A 51 13.05 31.32 1.94
C CYS A 51 12.99 29.87 1.46
N LEU A 52 13.39 29.64 0.21
CA LEU A 52 13.32 28.30 -0.36
C LEU A 52 14.21 27.33 0.41
N GLN A 53 15.46 27.72 0.67
CA GLN A 53 16.37 26.85 1.39
C GLN A 53 15.96 26.68 2.84
N ALA A 54 15.40 27.73 3.46
CA ALA A 54 14.97 27.63 4.85
C ALA A 54 13.79 26.68 4.99
N LEU A 55 12.86 26.71 4.04
CA LEU A 55 11.71 25.82 4.10
C LEU A 55 12.11 24.38 3.76
N ALA A 56 12.97 24.21 2.76
CA ALA A 56 13.43 22.86 2.41
C ALA A 56 14.23 22.23 3.53
N ASP A 57 14.97 23.04 4.30
CA ASP A 57 15.75 22.49 5.40
C ASP A 57 14.84 22.02 6.54
N VAL A 58 13.74 22.73 6.80
CA VAL A 58 12.86 22.33 7.89
C VAL A 58 11.93 21.20 7.48
N GLU A 59 11.66 21.03 6.17
CA GLU A 59 10.79 19.94 5.74
C GLU A 59 11.43 18.58 5.96
N VAL A 60 12.74 18.47 5.71
CA VAL A 60 13.42 17.19 5.89
C VAL A 60 13.61 16.89 7.37
N LYS A 61 13.92 17.92 8.17
CA LYS A 61 14.09 17.70 9.60
C LYS A 61 12.77 17.42 10.29
N TYR A 62 11.67 18.00 9.80
CA TYR A 62 10.36 17.74 10.38
C TYR A 62 9.90 16.32 10.10
N ILE A 63 10.00 15.89 8.84
CA ILE A 63 9.42 14.60 8.45
C ILE A 63 10.17 13.44 9.10
N VAL A 64 11.47 13.63 9.39
CA VAL A 64 12.24 12.58 10.05
C VAL A 64 11.84 12.47 11.51
N GLU A 65 11.78 13.61 12.21
CA GLU A 65 11.31 13.61 13.59
C GLU A 65 9.85 13.18 13.69
N ARG A 66 9.04 13.54 12.69
CA ARG A 66 7.64 13.11 12.69
C ARG A 66 7.52 11.59 12.57
N THR A 67 8.47 10.96 11.86
CA THR A 67 8.40 9.52 11.67
C THR A 67 8.54 8.78 13.00
N MET A 68 9.46 9.21 13.86
CA MET A 68 9.63 8.57 15.16
C MET A 68 8.38 8.71 16.04
N LEU A 69 7.47 9.62 15.69
CA LEU A 69 6.30 9.89 16.52
C LEU A 69 5.03 9.23 16.01
N ASP A 70 4.83 9.16 14.69
CA ASP A 70 3.59 8.64 14.12
C ASP A 70 3.70 7.21 13.62
N PHE A 71 4.87 6.59 13.69
CA PHE A 71 5.07 5.22 13.24
C PHE A 71 4.84 4.17 14.33
N PRO A 72 5.18 4.43 15.60
CA PRO A 72 4.93 3.41 16.65
C PRO A 72 3.49 2.93 16.72
N GLN A 73 2.51 3.74 16.31
CA GLN A 73 1.13 3.30 16.35
C GLN A 73 0.86 2.10 15.45
N HIS A 74 1.77 1.79 14.53
CA HIS A 74 1.57 0.70 13.59
C HIS A 74 2.31 -0.58 13.96
N VAL A 75 3.30 -0.51 14.86
CA VAL A 75 4.21 -1.65 15.05
C VAL A 75 4.47 -1.94 16.52
N SER A 76 4.33 -0.93 17.38
CA SER A 76 4.68 -1.11 18.78
C SER A 76 3.76 -2.11 19.47
N SER A 77 4.34 -2.91 20.36
CA SER A 77 3.58 -3.88 21.14
C SER A 77 2.99 -3.28 22.41
N ASP A 78 3.38 -2.05 22.76
CA ASP A 78 2.83 -1.35 23.92
C ASP A 78 1.65 -0.49 23.46
N LYS A 79 0.44 -0.82 23.94
CA LYS A 79 -0.74 -0.10 23.50
C LYS A 79 -0.71 1.36 23.94
N GLU A 80 -0.08 1.66 25.07
CA GLU A 80 0.06 3.05 25.49
C GLU A 80 0.98 3.82 24.54
N VAL A 81 2.00 3.16 24.02
CA VAL A 81 2.87 3.81 23.03
C VAL A 81 2.11 4.03 21.73
N ARG A 82 1.28 3.07 21.33
CA ARG A 82 0.46 3.24 20.13
C ARG A 82 -0.54 4.37 20.30
N ALA A 83 -1.14 4.48 21.49
CA ALA A 83 -2.11 5.56 21.72
C ALA A 83 -1.43 6.92 21.72
N ALA A 84 -0.25 7.03 22.35
CA ALA A 84 0.49 8.27 22.32
C ALA A 84 0.96 8.62 20.91
N SER A 85 1.24 7.61 20.09
CA SER A 85 1.64 7.86 18.71
C SER A 85 0.45 8.36 17.88
N THR A 86 -0.74 7.80 18.12
CA THR A 86 -1.92 8.26 17.40
C THR A 86 -2.28 9.69 17.79
N GLU A 87 -2.18 10.02 19.08
CA GLU A 87 -2.41 11.40 19.50
C GLU A 87 -1.37 12.34 18.90
N ALA A 88 -0.13 11.87 18.78
CA ALA A 88 0.89 12.68 18.11
C ALA A 88 0.57 12.86 16.63
N ASP A 89 0.04 11.82 15.99
CA ASP A 89 -0.35 11.94 14.59
C ASP A 89 -1.49 12.94 14.42
N LYS A 90 -2.47 12.91 15.31
CA LYS A 90 -3.58 13.87 15.24
C LYS A 90 -3.06 15.30 15.42
N ARG A 91 -2.20 15.51 16.40
CA ARG A 91 -1.72 16.86 16.69
C ARG A 91 -0.80 17.37 15.59
N LEU A 92 0.05 16.50 15.05
CA LEU A 92 0.96 16.90 13.98
C LEU A 92 0.25 17.06 12.65
N SER A 93 -0.88 16.37 12.44
CA SER A 93 -1.62 16.54 11.20
C SER A 93 -2.36 17.87 11.16
N ARG A 94 -2.91 18.29 12.30
CA ARG A 94 -3.50 19.63 12.38
C ARG A 94 -2.43 20.71 12.21
N PHE A 95 -1.23 20.45 12.75
CA PHE A 95 -0.13 21.41 12.57
C PHE A 95 0.28 21.49 11.11
N ASP A 96 0.26 20.37 10.39
CA ASP A 96 0.57 20.40 8.96
C ASP A 96 -0.41 21.28 8.20
N ILE A 97 -1.68 21.25 8.59
CA ILE A 97 -2.69 22.07 7.92
C ILE A 97 -2.48 23.54 8.24
N GLU A 98 -2.12 23.85 9.50
CA GLU A 98 -1.87 25.24 9.88
C GLU A 98 -0.70 25.83 9.09
N MET A 99 0.39 25.06 8.96
CA MET A 99 1.55 25.59 8.25
C MET A 99 1.31 25.65 6.75
N SER A 100 0.58 24.68 6.20
CA SER A 100 0.34 24.65 4.76
C SER A 100 -0.56 25.79 4.29
N MET A 101 -1.37 26.36 5.18
CA MET A 101 -2.30 27.42 4.81
C MET A 101 -1.86 28.78 5.32
N ARG A 102 -0.56 28.98 5.49
CA ARG A 102 -0.04 30.29 5.87
C ARG A 102 0.01 31.19 4.64
N GLY A 103 -0.77 32.26 4.68
CA GLY A 103 -0.79 33.19 3.55
C GLY A 103 0.52 33.93 3.36
N ASP A 104 1.23 34.23 4.46
CA ASP A 104 2.49 34.94 4.35
C ASP A 104 3.55 34.09 3.66
N ILE A 105 3.55 32.78 3.91
CA ILE A 105 4.48 31.90 3.22
C ILE A 105 4.13 31.80 1.75
N PHE A 106 2.83 31.73 1.43
CA PHE A 106 2.41 31.60 0.04
C PHE A 106 2.80 32.83 -0.78
N GLU A 107 2.64 34.02 -0.21
CA GLU A 107 2.98 35.24 -0.93
C GLU A 107 4.47 35.31 -1.24
N ARG A 108 5.31 34.93 -0.26
CA ARG A 108 6.75 35.04 -0.45
C ARG A 108 7.31 33.96 -1.36
N ILE A 109 6.63 32.81 -1.46
CA ILE A 109 7.05 31.79 -2.42
C ILE A 109 6.65 32.21 -3.82
N VAL A 110 5.46 32.79 -3.98
CA VAL A 110 5.03 33.27 -5.28
C VAL A 110 5.93 34.41 -5.74
N HIS A 111 6.28 35.33 -4.84
CA HIS A 111 7.17 36.41 -5.21
C HIS A 111 8.58 35.92 -5.52
N LEU A 112 8.99 34.80 -4.90
CA LEU A 112 10.32 34.27 -5.17
C LEU A 112 10.41 33.71 -6.59
N GLN A 113 9.36 33.02 -7.04
CA GLN A 113 9.39 32.46 -8.39
C GLN A 113 9.36 33.54 -9.45
N GLU A 114 8.71 34.67 -9.17
CA GLU A 114 8.59 35.73 -10.16
C GLU A 114 9.87 36.53 -10.32
N THR A 115 10.64 36.70 -9.25
CA THR A 115 11.85 37.52 -9.29
C THR A 115 13.12 36.71 -9.54
N CYS A 116 13.16 35.47 -9.08
CA CYS A 116 14.36 34.65 -9.24
C CYS A 116 14.54 34.23 -10.68
N ASP A 117 15.81 34.04 -11.07
CA ASP A 117 16.15 33.53 -12.39
C ASP A 117 16.07 32.01 -12.35
N LEU A 118 14.99 31.47 -12.91
CA LEU A 118 14.77 30.03 -12.87
C LEU A 118 15.83 29.24 -13.62
N GLY A 119 16.56 29.89 -14.54
CA GLY A 119 17.60 29.20 -15.28
C GLY A 119 18.85 28.92 -14.47
N LYS A 120 19.09 29.70 -13.41
CA LYS A 120 20.29 29.55 -12.60
C LYS A 120 20.08 28.68 -11.36
N ILE A 121 18.94 27.97 -11.29
CA ILE A 121 18.68 27.03 -10.21
C ILE A 121 18.44 25.66 -10.82
N LYS A 122 18.63 24.64 -9.99
CA LYS A 122 18.44 23.27 -10.43
C LYS A 122 16.98 23.06 -10.88
N PRO A 123 16.76 22.19 -11.87
CA PRO A 123 15.38 21.94 -12.32
C PRO A 123 14.48 21.40 -11.23
N GLU A 124 15.02 20.65 -10.26
CA GLU A 124 14.19 20.19 -9.16
C GLU A 124 13.81 21.33 -8.23
N ALA A 125 14.64 22.36 -8.14
CA ALA A 125 14.27 23.55 -7.38
C ALA A 125 13.14 24.30 -8.07
N ARG A 126 13.15 24.34 -9.40
CA ARG A 126 12.01 24.89 -10.13
C ARG A 126 10.75 24.09 -9.84
N ARG A 127 10.87 22.76 -9.81
CA ARG A 127 9.71 21.93 -9.49
C ARG A 127 9.23 22.17 -8.07
N TYR A 128 10.14 22.45 -7.14
CA TYR A 128 9.74 22.74 -5.77
C TYR A 128 8.85 23.98 -5.71
N LEU A 129 9.20 25.01 -6.48
CA LEU A 129 8.43 26.25 -6.46
C LEU A 129 7.03 26.06 -7.05
N GLU A 130 6.96 25.50 -8.26
CA GLU A 130 5.66 25.37 -8.92
C GLU A 130 4.76 24.37 -8.20
N LYS A 131 5.33 23.32 -7.62
CA LYS A 131 4.51 22.40 -6.82
C LYS A 131 4.01 23.08 -5.56
N SER A 132 4.89 23.86 -4.89
CA SER A 132 4.48 24.56 -3.68
C SER A 132 3.39 25.59 -3.97
N ILE A 133 3.50 26.31 -5.09
CA ILE A 133 2.46 27.25 -5.47
C ILE A 133 1.18 26.51 -5.83
N LYS A 134 1.30 25.38 -6.53
CA LYS A 134 0.13 24.59 -6.88
C LYS A 134 -0.52 23.98 -5.65
N MET A 135 0.28 23.57 -4.66
CA MET A 135 -0.29 23.09 -3.41
C MET A 135 -0.98 24.21 -2.64
N GLY A 136 -0.47 25.44 -2.75
CA GLY A 136 -1.13 26.56 -2.10
C GLY A 136 -2.48 26.88 -2.71
N LYS A 137 -2.58 26.80 -4.03
CA LYS A 137 -3.87 27.05 -4.69
C LYS A 137 -4.85 25.91 -4.43
N ARG A 138 -4.36 24.68 -4.29
CA ARG A 138 -5.22 23.58 -3.90
C ARG A 138 -5.65 23.66 -2.44
N ASN A 139 -5.11 24.61 -1.68
CA ASN A 139 -5.59 24.92 -0.34
C ASN A 139 -6.36 26.23 -0.29
N GLY A 140 -6.61 26.86 -1.44
CA GLY A 140 -7.40 28.07 -1.48
C GLY A 140 -6.70 29.32 -1.02
N LEU A 141 -5.37 29.35 -1.02
CA LEU A 141 -4.64 30.52 -0.55
C LEU A 141 -4.75 31.70 -1.50
N HIS A 142 -5.24 31.49 -2.72
CA HIS A 142 -5.55 32.58 -3.64
C HIS A 142 -6.99 33.06 -3.52
N LEU A 143 -7.76 32.49 -2.59
CA LEU A 143 -9.15 32.79 -2.38
C LEU A 143 -9.31 33.75 -1.19
N PRO A 144 -10.50 34.33 -1.01
CA PRO A 144 -10.70 35.28 0.11
C PRO A 144 -10.43 34.64 1.46
N GLU A 145 -10.45 35.50 2.49
CA GLU A 145 -10.03 35.09 3.82
C GLU A 145 -11.01 34.09 4.45
N GLN A 146 -12.30 34.43 4.45
CA GLN A 146 -13.25 33.62 5.20
C GLN A 146 -13.43 32.23 4.60
N VAL A 147 -13.18 32.07 3.30
CA VAL A 147 -13.26 30.73 2.72
C VAL A 147 -12.03 29.91 3.07
N GLN A 148 -10.88 30.56 3.29
CA GLN A 148 -9.70 29.85 3.77
C GLN A 148 -9.94 29.30 5.17
N ASN A 149 -10.63 30.07 6.02
CA ASN A 149 -10.92 29.60 7.37
C ASN A 149 -11.88 28.41 7.35
N GLU A 150 -12.83 28.41 6.42
CA GLU A 150 -13.73 27.27 6.28
C GLU A 150 -12.98 26.04 5.80
N ILE A 151 -12.09 26.21 4.81
CA ILE A 151 -11.31 25.08 4.30
C ILE A 151 -10.41 24.53 5.41
N LYS A 152 -9.80 25.41 6.20
CA LYS A 152 -8.90 24.96 7.26
C LYS A 152 -9.64 24.13 8.29
N SER A 153 -10.79 24.63 8.76
CA SER A 153 -11.53 23.91 9.79
C SER A 153 -12.04 22.57 9.28
N MET A 154 -12.46 22.51 8.01
CA MET A 154 -12.92 21.25 7.45
C MET A 154 -11.77 20.29 7.19
N LYS A 155 -10.59 20.83 6.83
CA LYS A 155 -9.42 19.98 6.68
C LYS A 155 -9.00 19.37 8.00
N LYS A 156 -9.02 20.16 9.08
CA LYS A 156 -8.69 19.63 10.40
C LYS A 156 -9.70 18.58 10.84
N ARG A 157 -10.97 18.77 10.49
CA ARG A 157 -12.00 17.79 10.83
C ARG A 157 -11.77 16.48 10.07
N MET A 158 -11.52 16.57 8.76
CA MET A 158 -11.29 15.37 7.97
C MET A 158 -10.03 14.64 8.40
N SER A 159 -9.05 15.37 8.95
CA SER A 159 -7.83 14.73 9.42
C SER A 159 -8.11 13.79 10.58
N GLU A 160 -8.89 14.25 11.55
CA GLU A 160 -9.21 13.39 12.70
C GLU A 160 -10.17 12.27 12.32
N LEU A 161 -11.04 12.51 11.33
CA LEU A 161 -11.96 11.46 10.89
C LEU A 161 -11.21 10.33 10.20
N CYS A 162 -10.21 10.66 9.37
CA CYS A 162 -9.43 9.62 8.70
C CYS A 162 -8.59 8.84 9.70
N ILE A 163 -8.02 9.53 10.69
CA ILE A 163 -7.20 8.84 11.69
C ILE A 163 -8.07 7.91 12.53
N ASP A 164 -9.23 8.39 12.97
CA ASP A 164 -10.14 7.54 13.75
C ASP A 164 -10.68 6.39 12.92
N PHE A 165 -10.82 6.57 11.61
CA PHE A 165 -11.33 5.50 10.76
C PHE A 165 -10.39 4.30 10.77
N ASN A 166 -9.10 4.54 10.59
CA ASN A 166 -8.13 3.45 10.58
C ASN A 166 -7.77 3.00 11.99
N LYS A 167 -7.86 3.90 12.98
CA LYS A 167 -7.58 3.51 14.35
C LYS A 167 -8.60 2.50 14.85
N ASN A 168 -9.87 2.64 14.44
CA ASN A 168 -10.90 1.69 14.83
C ASN A 168 -10.63 0.31 14.24
N LEU A 169 -10.21 0.26 12.98
CA LEU A 169 -9.96 -1.01 12.33
C LEU A 169 -8.68 -1.67 12.85
N ASN A 170 -7.67 -0.87 13.20
CA ASN A 170 -6.40 -1.44 13.62
C ASN A 170 -6.48 -2.02 15.02
N GLU A 171 -7.33 -1.47 15.88
CA GLU A 171 -7.44 -1.91 17.27
C GLU A 171 -8.67 -2.80 17.51
N ASP A 172 -9.30 -3.30 16.45
CA ASP A 172 -10.44 -4.19 16.61
C ASP A 172 -9.98 -5.57 17.06
N ASP A 173 -10.73 -6.17 17.98
CA ASP A 173 -10.39 -7.47 18.56
C ASP A 173 -11.58 -8.43 18.49
N THR A 174 -12.41 -8.31 17.46
CA THR A 174 -13.56 -9.18 17.32
C THR A 174 -13.12 -10.60 16.98
N PHE A 175 -13.75 -11.58 17.63
CA PHE A 175 -13.43 -12.98 17.39
C PHE A 175 -14.70 -13.81 17.49
N LEU A 176 -14.63 -15.01 16.93
CA LEU A 176 -15.73 -15.98 16.97
C LEU A 176 -15.22 -17.29 17.55
N VAL A 177 -16.16 -18.09 18.05
CA VAL A 177 -15.84 -19.38 18.66
C VAL A 177 -16.48 -20.48 17.82
N PHE A 178 -15.71 -21.53 17.52
CA PHE A 178 -16.18 -22.66 16.74
C PHE A 178 -15.67 -23.95 17.35
N SER A 179 -16.45 -25.01 17.18
CA SER A 179 -16.03 -26.34 17.60
C SER A 179 -15.17 -26.98 16.52
N LYS A 180 -14.62 -28.16 16.83
CA LYS A 180 -13.78 -28.87 15.86
C LYS A 180 -14.60 -29.32 14.66
N ALA A 181 -15.85 -29.72 14.88
CA ALA A 181 -16.69 -30.14 13.76
C ALA A 181 -17.07 -28.97 12.88
N GLU A 182 -17.25 -27.78 13.46
CA GLU A 182 -17.58 -26.59 12.68
C GLU A 182 -16.40 -26.06 11.87
N LEU A 183 -15.20 -26.59 12.10
CA LEU A 183 -14.01 -26.22 11.35
C LEU A 183 -13.54 -27.35 10.45
N GLY A 184 -14.48 -28.01 9.78
CA GLY A 184 -14.13 -29.13 8.93
C GLY A 184 -13.29 -28.70 7.75
N ALA A 185 -12.46 -29.64 7.28
CA ALA A 185 -11.53 -29.50 6.16
C ALA A 185 -10.37 -28.55 6.47
N LEU A 186 -10.32 -27.96 7.65
CA LEU A 186 -9.17 -27.13 8.00
C LEU A 186 -8.02 -28.01 8.49
N PRO A 187 -6.79 -27.73 8.07
CA PRO A 187 -5.67 -28.60 8.45
C PRO A 187 -5.35 -28.47 9.94
N ASP A 188 -4.69 -29.50 10.46
CA ASP A 188 -4.43 -29.55 11.89
C ASP A 188 -3.39 -28.52 12.33
N ASP A 189 -2.46 -28.16 11.45
CA ASP A 189 -1.48 -27.14 11.81
C ASP A 189 -2.12 -25.78 12.00
N PHE A 190 -3.32 -25.57 11.46
CA PHE A 190 -4.09 -24.35 11.70
C PHE A 190 -4.95 -24.48 12.97
N ILE A 191 -5.52 -25.66 13.19
CA ILE A 191 -6.39 -25.85 14.36
C ILE A 191 -5.59 -25.82 15.65
N ASP A 192 -4.41 -26.46 15.65
CA ASP A 192 -3.59 -26.55 16.85
C ASP A 192 -2.94 -25.22 17.23
N SER A 193 -3.11 -24.17 16.45
CA SER A 193 -2.53 -22.87 16.74
C SER A 193 -3.57 -21.87 17.26
N LEU A 194 -4.81 -22.32 17.48
CA LEU A 194 -5.87 -21.45 17.95
C LEU A 194 -6.03 -21.59 19.47
N GLU A 195 -6.48 -20.51 20.09
CA GLU A 195 -6.73 -20.53 21.53
C GLU A 195 -7.94 -21.40 21.83
N LYS A 196 -7.82 -22.26 22.83
CA LYS A 196 -8.91 -23.13 23.25
C LYS A 196 -9.77 -22.42 24.28
N THR A 197 -11.07 -22.72 24.24
CA THR A 197 -12.03 -22.15 25.18
C THR A 197 -12.34 -23.17 26.28
N ASP A 198 -13.23 -22.77 27.19
CA ASP A 198 -13.58 -23.63 28.33
C ASP A 198 -14.45 -24.80 27.93
N ASP A 199 -15.13 -24.72 26.79
CA ASP A 199 -15.98 -25.81 26.30
C ASP A 199 -15.32 -26.57 25.16
N ASP A 200 -13.99 -26.60 25.13
CA ASP A 200 -13.23 -27.36 24.13
C ASP A 200 -13.54 -26.91 22.71
N LYS A 201 -13.69 -25.59 22.53
CA LYS A 201 -13.84 -24.99 21.21
C LYS A 201 -12.57 -24.20 20.88
N TYR A 202 -12.65 -23.39 19.82
CA TYR A 202 -11.49 -22.66 19.32
C TYR A 202 -11.86 -21.22 19.05
N LYS A 203 -10.94 -20.31 19.38
CA LYS A 203 -11.10 -18.89 19.10
C LYS A 203 -10.47 -18.55 17.76
N ILE A 204 -11.24 -17.89 16.90
CA ILE A 204 -10.77 -17.45 15.59
C ILE A 204 -11.00 -15.95 15.48
N THR A 205 -9.94 -15.19 15.25
CA THR A 205 -10.04 -13.75 15.11
C THR A 205 -10.35 -13.37 13.66
N LEU A 206 -10.65 -12.10 13.44
CA LEU A 206 -10.97 -11.58 12.12
C LEU A 206 -9.74 -11.08 11.37
N LYS A 207 -8.54 -11.34 11.89
CA LYS A 207 -7.33 -10.92 11.21
C LYS A 207 -7.09 -11.80 9.98
N TYR A 208 -6.20 -11.33 9.11
CA TYR A 208 -5.96 -12.01 7.83
C TYR A 208 -5.46 -13.44 8.00
N PRO A 209 -4.44 -13.73 8.83
CA PRO A 209 -3.98 -15.12 8.94
C PRO A 209 -5.02 -16.09 9.48
N HIS A 210 -6.14 -15.59 9.98
CA HIS A 210 -7.26 -16.42 10.43
C HIS A 210 -8.45 -16.39 9.48
N TYR A 211 -8.79 -15.21 8.95
CA TYR A 211 -9.99 -15.09 8.13
C TYR A 211 -9.82 -15.81 6.79
N PHE A 212 -8.73 -15.54 6.08
CA PHE A 212 -8.56 -16.11 4.75
C PHE A 212 -8.48 -17.64 4.76
N PRO A 213 -7.69 -18.29 5.64
CA PRO A 213 -7.69 -19.76 5.62
C PRO A 213 -9.04 -20.38 5.90
N VAL A 214 -9.90 -19.72 6.69
CA VAL A 214 -11.23 -20.23 6.93
C VAL A 214 -12.11 -20.06 5.70
N MET A 215 -12.04 -18.90 5.06
CA MET A 215 -12.87 -18.65 3.88
C MET A 215 -12.42 -19.45 2.67
N LYS A 216 -11.21 -20.01 2.69
CA LYS A 216 -10.69 -20.73 1.54
C LYS A 216 -10.73 -22.24 1.70
N LYS A 217 -10.85 -22.75 2.91
CA LYS A 217 -10.69 -24.19 3.14
C LYS A 217 -11.84 -24.81 3.93
N CYS A 218 -12.48 -24.04 4.81
CA CYS A 218 -13.50 -24.62 5.69
C CYS A 218 -14.72 -25.03 4.87
N CYS A 219 -15.08 -26.32 4.97
CA CYS A 219 -16.17 -26.89 4.19
C CYS A 219 -17.54 -26.71 4.83
N ILE A 220 -17.61 -26.05 5.99
CA ILE A 220 -18.88 -25.82 6.68
C ILE A 220 -19.43 -24.47 6.21
N PRO A 221 -20.55 -24.46 5.47
CA PRO A 221 -21.04 -23.17 4.93
C PRO A 221 -21.44 -22.18 6.02
N GLU A 222 -22.08 -22.64 7.10
CA GLU A 222 -22.47 -21.72 8.16
C GLU A 222 -21.25 -21.08 8.83
N THR A 223 -20.14 -21.82 8.91
CA THR A 223 -18.93 -21.23 9.47
C THR A 223 -18.41 -20.09 8.59
N ARG A 224 -18.42 -20.27 7.27
CA ARG A 224 -17.98 -19.22 6.37
C ARG A 224 -18.94 -18.03 6.39
N ARG A 225 -20.25 -18.28 6.55
CA ARG A 225 -21.20 -17.19 6.60
C ARG A 225 -21.01 -16.33 7.84
N ARG A 226 -20.83 -16.96 8.99
CA ARG A 226 -20.63 -16.20 10.23
C ARG A 226 -19.33 -15.41 10.20
N MET A 227 -18.31 -15.94 9.53
CA MET A 227 -17.04 -15.21 9.42
C MET A 227 -17.18 -14.03 8.46
N GLU A 228 -17.80 -14.25 7.31
CA GLU A 228 -17.96 -13.17 6.33
C GLU A 228 -18.84 -12.06 6.88
N MET A 229 -19.85 -12.40 7.67
CA MET A 229 -20.71 -11.37 8.27
C MET A 229 -19.92 -10.52 9.25
N ALA A 230 -19.16 -11.16 10.14
CA ALA A 230 -18.40 -10.40 11.13
C ALA A 230 -17.27 -9.61 10.49
N PHE A 231 -16.66 -10.14 9.42
CA PHE A 231 -15.54 -9.46 8.79
C PHE A 231 -16.00 -8.19 8.08
N ASN A 232 -17.16 -8.24 7.42
CA ASN A 232 -17.69 -7.10 6.69
C ASN A 232 -18.64 -6.25 7.54
N THR A 233 -18.58 -6.38 8.87
CA THR A 233 -19.28 -5.50 9.78
C THR A 233 -18.36 -4.91 10.84
N ARG A 234 -17.05 -5.05 10.67
CA ARG A 234 -16.10 -4.47 11.62
C ARG A 234 -16.26 -2.95 11.66
N CYS A 235 -16.47 -2.42 12.86
CA CYS A 235 -16.64 -0.98 13.08
C CYS A 235 -17.78 -0.41 12.24
N LYS A 236 -18.82 -1.21 12.01
CA LYS A 236 -19.91 -0.79 11.15
C LYS A 236 -20.60 0.45 11.70
N GLU A 237 -20.80 0.52 13.01
CA GLU A 237 -21.52 1.65 13.60
C GLU A 237 -20.69 2.92 13.52
N GLU A 238 -19.47 2.89 14.06
CA GLU A 238 -18.69 4.13 14.19
C GLU A 238 -18.14 4.61 12.86
N ASN A 239 -17.72 3.69 11.99
CA ASN A 239 -17.14 4.10 10.71
C ASN A 239 -18.19 4.52 9.69
N THR A 240 -19.44 4.08 9.84
CA THR A 240 -20.51 4.64 9.00
C THR A 240 -20.76 6.09 9.36
N ILE A 241 -20.70 6.42 10.66
CA ILE A 241 -20.84 7.81 11.09
C ILE A 241 -19.70 8.65 10.51
N ILE A 242 -18.48 8.09 10.50
CA ILE A 242 -17.34 8.82 9.96
C ILE A 242 -17.51 9.05 8.46
N LEU A 243 -17.94 8.03 7.73
CA LEU A 243 -18.14 8.18 6.29
C LEU A 243 -19.26 9.16 5.99
N GLN A 244 -20.33 9.14 6.80
CA GLN A 244 -21.44 10.07 6.60
C GLN A 244 -21.03 11.52 6.85
N GLN A 245 -19.90 11.76 7.50
CA GLN A 245 -19.35 13.10 7.70
C GLN A 245 -18.17 13.40 6.79
N LEU A 246 -17.29 12.42 6.57
CA LEU A 246 -16.08 12.66 5.79
C LEU A 246 -16.40 12.93 4.32
N LEU A 247 -17.27 12.13 3.73
CA LEU A 247 -17.57 12.29 2.31
C LEU A 247 -18.24 13.63 1.98
N PRO A 248 -19.24 14.10 2.73
CA PRO A 248 -19.76 15.45 2.44
C PRO A 248 -18.74 16.55 2.63
N LEU A 249 -17.83 16.41 3.61
CA LEU A 249 -16.79 17.41 3.80
C LEU A 249 -15.84 17.47 2.60
N ARG A 250 -15.48 16.31 2.05
CA ARG A 250 -14.59 16.29 0.88
C ARG A 250 -15.25 16.95 -0.32
N THR A 251 -16.56 16.75 -0.49
CA THR A 251 -17.28 17.44 -1.55
C THR A 251 -17.35 18.94 -1.29
N LYS A 252 -17.66 19.32 -0.04
CA LYS A 252 -17.80 20.74 0.29
C LYS A 252 -16.48 21.48 0.12
N VAL A 253 -15.36 20.82 0.40
CA VAL A 253 -14.05 21.47 0.21
C VAL A 253 -13.73 21.60 -1.28
N ALA A 254 -14.03 20.55 -2.06
CA ALA A 254 -13.76 20.62 -3.50
C ALA A 254 -14.59 21.69 -4.18
N LYS A 255 -15.81 21.94 -3.71
CA LYS A 255 -16.64 23.01 -4.28
C LYS A 255 -15.99 24.37 -4.05
N LEU A 256 -15.55 24.64 -2.81
CA LEU A 256 -14.97 25.94 -2.50
C LEU A 256 -13.69 26.18 -3.27
N LEU A 257 -12.97 25.12 -3.63
CA LEU A 257 -11.73 25.25 -4.40
C LEU A 257 -11.98 25.37 -5.90
N GLY A 258 -13.23 25.29 -6.34
CA GLY A 258 -13.55 25.42 -7.75
C GLY A 258 -13.73 24.12 -8.49
N TYR A 259 -13.66 22.98 -7.82
CA TYR A 259 -13.80 21.67 -8.45
C TYR A 259 -15.23 21.17 -8.29
N SER A 260 -15.68 20.39 -9.26
CA SER A 260 -17.05 19.88 -9.24
C SER A 260 -17.20 18.77 -8.20
N THR A 261 -16.29 17.82 -8.17
CA THR A 261 -16.32 16.71 -7.23
C THR A 261 -14.95 16.54 -6.58
N HIS A 262 -14.94 15.79 -5.48
CA HIS A 262 -13.66 15.46 -4.84
C HIS A 262 -12.83 14.54 -5.72
N ALA A 263 -13.48 13.69 -6.52
CA ALA A 263 -12.74 12.83 -7.45
C ALA A 263 -11.99 13.67 -8.47
N ASP A 264 -12.62 14.74 -8.97
CA ASP A 264 -11.92 15.65 -9.87
C ASP A 264 -10.76 16.35 -9.17
N PHE A 265 -10.93 16.66 -7.88
CA PHE A 265 -9.90 17.39 -7.16
C PHE A 265 -8.61 16.57 -7.04
N VAL A 266 -8.75 15.27 -6.75
CA VAL A 266 -7.57 14.43 -6.59
C VAL A 266 -7.06 13.89 -7.92
N LEU A 267 -7.91 13.82 -8.95
CA LEU A 267 -7.47 13.29 -10.24
C LEU A 267 -6.51 14.22 -10.95
N GLU A 268 -6.51 15.51 -10.61
CA GLU A 268 -5.57 16.45 -11.22
C GLU A 268 -4.14 16.17 -10.84
N MET A 269 -3.91 15.50 -9.71
CA MET A 269 -2.57 15.17 -9.23
C MET A 269 -2.14 13.76 -9.60
N ASN A 270 -2.85 13.11 -10.51
CA ASN A 270 -2.53 11.75 -10.94
C ASN A 270 -2.31 11.71 -12.44
N THR A 271 -1.64 10.64 -12.88
CA THR A 271 -1.35 10.48 -14.31
C THR A 271 -2.61 10.28 -15.14
N ALA A 272 -3.70 9.81 -14.53
CA ALA A 272 -4.96 9.65 -15.25
C ALA A 272 -5.62 10.99 -15.55
N LYS A 273 -5.24 12.04 -14.83
CA LYS A 273 -5.65 13.42 -15.10
C LYS A 273 -7.13 13.68 -14.82
N SER A 274 -8.04 12.92 -15.43
CA SER A 274 -9.46 13.21 -15.36
C SER A 274 -10.24 11.99 -14.87
N THR A 275 -11.43 12.26 -14.33
CA THR A 275 -12.31 11.19 -13.89
C THR A 275 -12.97 10.48 -15.07
N SER A 276 -13.23 11.20 -16.16
CA SER A 276 -13.78 10.57 -17.36
C SER A 276 -12.80 9.56 -17.94
N ARG A 277 -11.51 9.76 -17.72
CA ARG A 277 -10.53 8.76 -18.12
C ARG A 277 -10.60 7.52 -17.24
N VAL A 278 -10.83 7.72 -15.93
CA VAL A 278 -10.95 6.59 -15.02
C VAL A 278 -12.20 5.78 -15.34
N THR A 279 -13.32 6.47 -15.62
CA THR A 279 -14.56 5.78 -15.94
C THR A 279 -14.42 4.95 -17.21
N ALA A 280 -13.84 5.55 -18.26
CA ALA A 280 -13.66 4.82 -19.51
C ALA A 280 -12.69 3.65 -19.33
N PHE A 281 -11.65 3.85 -18.51
CA PHE A 281 -10.69 2.77 -18.26
C PHE A 281 -11.35 1.61 -17.52
N LEU A 282 -12.11 1.90 -16.48
CA LEU A 282 -12.75 0.84 -15.70
C LEU A 282 -13.86 0.17 -16.48
N ASP A 283 -14.68 0.95 -17.19
CA ASP A 283 -15.82 0.38 -17.90
C ASP A 283 -15.37 -0.50 -19.06
N ASP A 284 -14.35 -0.07 -19.81
CA ASP A 284 -13.87 -0.87 -20.92
C ASP A 284 -13.23 -2.17 -20.44
N LEU A 285 -12.49 -2.12 -19.33
CA LEU A 285 -11.91 -3.33 -18.77
C LEU A 285 -12.98 -4.25 -18.21
N SER A 286 -14.02 -3.66 -17.58
CA SER A 286 -15.11 -4.46 -17.04
C SER A 286 -15.86 -5.20 -18.14
N GLN A 287 -15.95 -4.60 -19.34
CA GLN A 287 -16.63 -5.26 -20.44
C GLN A 287 -15.79 -6.39 -21.03
N LYS A 288 -14.45 -6.22 -21.05
CA LYS A 288 -13.59 -7.28 -21.54
C LYS A 288 -13.59 -8.49 -20.62
N LEU A 289 -13.72 -8.27 -19.30
CA LEU A 289 -13.73 -9.34 -18.33
C LEU A 289 -15.10 -9.96 -18.13
N LYS A 290 -16.15 -9.37 -18.71
CA LYS A 290 -17.50 -9.91 -18.50
C LYS A 290 -17.67 -11.35 -18.97
N PRO A 291 -17.17 -11.76 -20.14
CA PRO A 291 -17.30 -13.20 -20.50
C PRO A 291 -16.53 -14.11 -19.55
N LEU A 292 -15.37 -13.67 -19.06
CA LEU A 292 -14.60 -14.50 -18.13
C LEU A 292 -15.34 -14.68 -16.82
N GLY A 293 -15.96 -13.62 -16.30
CA GLY A 293 -16.70 -13.74 -15.06
C GLY A 293 -17.90 -14.66 -15.16
N GLU A 294 -18.56 -14.64 -16.33
CA GLU A 294 -19.71 -15.52 -16.52
C GLU A 294 -19.30 -16.99 -16.55
N ALA A 295 -18.19 -17.30 -17.21
CA ALA A 295 -17.71 -18.68 -17.25
C ALA A 295 -17.23 -19.15 -15.89
N GLU A 296 -16.58 -18.26 -15.13
CA GLU A 296 -16.08 -18.64 -13.82
C GLU A 296 -17.20 -18.83 -12.82
N ARG A 297 -18.24 -17.99 -12.88
CA ARG A 297 -19.37 -18.15 -11.97
C ARG A 297 -20.17 -19.41 -12.28
N GLU A 298 -20.27 -19.78 -13.56
CA GLU A 298 -20.97 -21.01 -13.92
C GLU A 298 -20.23 -22.24 -13.39
N PHE A 299 -18.89 -22.21 -13.46
CA PHE A 299 -18.11 -23.32 -12.93
C PHE A 299 -18.21 -23.41 -11.41
N ILE A 300 -18.29 -22.26 -10.73
CA ILE A 300 -18.38 -22.25 -9.27
C ILE A 300 -19.73 -22.81 -8.82
N LEU A 301 -20.81 -22.44 -9.51
CA LEU A 301 -22.13 -22.97 -9.17
C LEU A 301 -22.18 -24.48 -9.34
N ASN A 302 -21.48 -25.00 -10.36
CA ASN A 302 -21.43 -26.45 -10.54
C ASN A 302 -20.64 -27.12 -9.43
N LEU A 303 -19.57 -26.47 -8.97
CA LEU A 303 -18.83 -27.01 -7.83
C LEU A 303 -19.68 -27.00 -6.56
N LYS A 304 -20.48 -25.93 -6.38
CA LYS A 304 -21.29 -25.83 -5.17
C LYS A 304 -22.46 -26.82 -5.19
N LYS A 305 -23.05 -27.04 -6.37
CA LYS A 305 -24.17 -27.97 -6.46
C LYS A 305 -23.72 -29.40 -6.17
N LYS A 306 -22.55 -29.80 -6.70
CA LYS A 306 -22.08 -31.16 -6.47
C LYS A 306 -21.65 -31.35 -5.02
N GLU A 307 -21.00 -30.35 -4.43
CA GLU A 307 -20.57 -30.47 -3.03
C GLU A 307 -21.77 -30.51 -2.09
N CYS A 308 -22.79 -29.69 -2.35
CA CYS A 308 -23.99 -29.75 -1.53
C CYS A 308 -24.70 -31.10 -1.67
N LYS A 309 -24.62 -31.71 -2.85
CA LYS A 309 -25.21 -33.03 -3.04
C LYS A 309 -24.37 -34.12 -2.38
N ASP A 310 -23.04 -34.01 -2.47
CA ASP A 310 -22.18 -35.02 -1.86
C ASP A 310 -22.20 -34.94 -0.34
N ARG A 311 -22.17 -33.73 0.21
CA ARG A 311 -22.13 -33.53 1.65
C ARG A 311 -23.52 -33.46 2.27
N GLY A 312 -24.58 -33.49 1.48
CA GLY A 312 -25.92 -33.46 2.02
C GLY A 312 -26.36 -32.10 2.53
N PHE A 313 -25.78 -31.02 2.01
CA PHE A 313 -26.15 -29.67 2.42
C PHE A 313 -27.29 -29.16 1.56
N GLU A 314 -27.94 -28.10 2.05
CA GLU A 314 -28.95 -27.41 1.26
C GLU A 314 -28.28 -26.55 0.19
N TYR A 315 -28.93 -26.47 -0.97
CA TYR A 315 -28.40 -25.75 -2.13
C TYR A 315 -29.36 -24.61 -2.47
N ASP A 316 -28.90 -23.38 -2.30
CA ASP A 316 -29.72 -22.20 -2.57
C ASP A 316 -29.59 -21.69 -4.00
N GLY A 317 -28.76 -22.33 -4.82
CA GLY A 317 -28.66 -21.95 -6.22
C GLY A 317 -28.04 -20.60 -6.49
N LYS A 318 -27.13 -20.16 -5.63
CA LYS A 318 -26.48 -18.87 -5.82
C LYS A 318 -25.10 -18.89 -5.17
N ILE A 319 -24.26 -17.96 -5.59
CA ILE A 319 -22.91 -17.80 -5.07
C ILE A 319 -22.95 -16.66 -4.05
N ASN A 320 -23.01 -17.01 -2.78
CA ASN A 320 -23.00 -16.01 -1.73
C ASN A 320 -21.58 -15.46 -1.54
N ALA A 321 -21.49 -14.38 -0.75
CA ALA A 321 -20.18 -13.77 -0.52
C ALA A 321 -19.26 -14.74 0.21
N TRP A 322 -19.79 -15.55 1.10
CA TRP A 322 -18.98 -16.50 1.85
C TRP A 322 -18.67 -17.78 1.06
N ASP A 323 -19.00 -17.82 -0.22
CA ASP A 323 -18.68 -18.96 -1.08
C ASP A 323 -17.60 -18.67 -2.10
N LEU A 324 -17.21 -17.40 -2.27
CA LEU A 324 -16.35 -17.02 -3.39
C LEU A 324 -14.93 -17.57 -3.22
N TYR A 325 -14.29 -17.26 -2.09
CA TYR A 325 -12.92 -17.71 -1.88
C TYR A 325 -12.83 -19.23 -1.76
N TYR A 326 -13.89 -19.87 -1.27
CA TYR A 326 -13.87 -21.32 -1.07
C TYR A 326 -13.80 -22.06 -2.39
N TYR A 327 -14.64 -21.67 -3.35
CA TYR A 327 -14.67 -22.36 -4.64
C TYR A 327 -13.67 -21.79 -5.64
N MET A 328 -13.17 -20.58 -5.41
CA MET A 328 -11.99 -20.14 -6.15
C MET A 328 -10.79 -21.02 -5.83
N THR A 329 -10.66 -21.41 -4.56
CA THR A 329 -9.57 -22.31 -4.18
C THR A 329 -9.73 -23.68 -4.84
N GLN A 330 -10.97 -24.18 -4.92
CA GLN A 330 -11.21 -25.44 -5.59
C GLN A 330 -10.92 -25.34 -7.09
N THR A 331 -11.23 -24.20 -7.70
CA THR A 331 -10.93 -24.02 -9.11
C THR A 331 -9.43 -24.08 -9.38
N GLU A 332 -8.63 -23.54 -8.44
CA GLU A 332 -7.18 -23.61 -8.59
C GLU A 332 -6.67 -25.03 -8.47
N GLU A 333 -7.27 -25.82 -7.57
CA GLU A 333 -6.83 -27.20 -7.39
C GLU A 333 -7.25 -28.08 -8.56
N LEU A 334 -8.46 -27.90 -9.06
CA LEU A 334 -8.99 -28.82 -10.08
C LEU A 334 -8.47 -28.47 -11.48
N LYS A 335 -8.45 -27.19 -11.83
CA LYS A 335 -8.08 -26.79 -13.18
C LYS A 335 -6.58 -26.60 -13.37
N TYR A 336 -5.80 -26.51 -12.29
CA TYR A 336 -4.37 -26.26 -12.42
C TYR A 336 -3.50 -27.12 -11.51
N SER A 337 -4.09 -28.06 -10.75
CA SER A 337 -3.32 -29.01 -9.93
C SER A 337 -2.41 -28.30 -8.95
N ILE A 338 -2.93 -27.23 -8.32
CA ILE A 338 -2.15 -26.42 -7.38
C ILE A 338 -2.77 -26.58 -6.00
N ASP A 339 -2.02 -27.17 -5.08
CA ASP A 339 -2.40 -27.27 -3.68
C ASP A 339 -1.52 -26.30 -2.89
N GLN A 340 -2.12 -25.20 -2.44
CA GLN A 340 -1.34 -24.16 -1.75
C GLN A 340 -0.72 -24.69 -0.47
N GLU A 341 -1.42 -25.58 0.24
CA GLU A 341 -0.89 -26.09 1.50
C GLU A 341 0.26 -27.06 1.28
N PHE A 342 0.33 -27.70 0.12
CA PHE A 342 1.48 -28.52 -0.21
C PHE A 342 2.61 -27.71 -0.84
N LEU A 343 2.26 -26.71 -1.64
CA LEU A 343 3.28 -25.89 -2.30
C LEU A 343 4.06 -25.04 -1.30
N LYS A 344 3.43 -24.69 -0.17
CA LYS A 344 4.11 -23.87 0.82
C LYS A 344 5.25 -24.60 1.51
N GLU A 345 5.27 -25.94 1.45
CA GLU A 345 6.37 -26.70 2.01
C GLU A 345 7.69 -26.39 1.34
N TYR A 346 7.65 -25.92 0.09
CA TYR A 346 8.85 -25.56 -0.65
C TYR A 346 9.24 -24.10 -0.48
N PHE A 347 8.50 -23.32 0.31
CA PHE A 347 8.78 -21.90 0.53
C PHE A 347 8.95 -21.60 2.01
N PRO A 348 10.00 -22.10 2.65
CA PRO A 348 10.32 -21.63 4.00
C PRO A 348 10.82 -20.19 3.94
N ILE A 349 10.47 -19.43 4.97
CA ILE A 349 10.63 -17.97 4.90
C ILE A 349 12.09 -17.57 4.75
N GLU A 350 13.02 -18.38 5.29
CA GLU A 350 14.43 -18.03 5.17
C GLU A 350 14.95 -18.27 3.75
N VAL A 351 14.44 -19.29 3.08
CA VAL A 351 14.84 -19.53 1.69
C VAL A 351 14.25 -18.48 0.77
N VAL A 352 13.00 -18.08 1.03
CA VAL A 352 12.38 -17.04 0.22
C VAL A 352 13.08 -15.71 0.43
N THR A 353 13.41 -15.39 1.68
CA THR A 353 14.14 -14.14 1.95
C THR A 353 15.49 -14.14 1.28
N GLU A 354 16.21 -15.26 1.32
CA GLU A 354 17.51 -15.35 0.67
C GLU A 354 17.39 -15.17 -0.84
N GLY A 355 16.45 -15.88 -1.47
CA GLY A 355 16.26 -15.74 -2.89
C GLY A 355 15.76 -14.38 -3.30
N LEU A 356 14.92 -13.76 -2.47
CA LEU A 356 14.42 -12.42 -2.76
C LEU A 356 15.55 -11.40 -2.78
N LEU A 357 16.41 -11.44 -1.75
CA LEU A 357 17.52 -10.50 -1.69
C LEU A 357 18.53 -10.76 -2.79
N ASN A 358 18.80 -12.03 -3.10
CA ASN A 358 19.76 -12.35 -4.15
C ASN A 358 19.26 -11.95 -5.53
N THR A 359 17.94 -12.05 -5.76
CA THR A 359 17.39 -11.73 -7.07
C THR A 359 17.61 -10.26 -7.43
N TYR A 360 17.44 -9.37 -6.46
CA TYR A 360 17.52 -7.95 -6.71
C TYR A 360 18.88 -7.34 -6.34
N GLN A 361 19.74 -8.11 -5.67
CA GLN A 361 21.15 -7.74 -5.64
C GLN A 361 21.78 -7.85 -7.03
N GLU A 362 21.37 -8.87 -7.79
CA GLU A 362 21.93 -9.09 -9.11
C GLU A 362 21.25 -8.22 -10.16
N LEU A 363 19.95 -7.99 -10.01
CA LEU A 363 19.20 -7.23 -11.02
C LEU A 363 19.47 -5.74 -10.91
N LEU A 364 19.42 -5.20 -9.71
CA LEU A 364 19.55 -3.75 -9.49
C LEU A 364 20.98 -3.33 -9.18
N GLY A 365 21.93 -4.27 -9.13
CA GLY A 365 23.30 -3.93 -8.81
C GLY A 365 23.47 -3.41 -7.40
N LEU A 366 22.97 -4.16 -6.43
CA LEU A 366 22.97 -3.75 -5.03
C LEU A 366 23.64 -4.82 -4.18
N SER A 367 23.98 -4.43 -2.95
CA SER A 367 24.60 -5.32 -1.98
C SER A 367 23.86 -5.19 -0.65
N PHE A 368 23.29 -6.30 -0.18
CA PHE A 368 22.53 -6.33 1.06
C PHE A 368 23.34 -7.01 2.15
N GLU A 369 23.27 -6.45 3.36
CA GLU A 369 23.97 -7.01 4.50
C GLU A 369 23.13 -6.80 5.75
N GLN A 370 22.90 -7.87 6.50
CA GLN A 370 22.13 -7.79 7.73
C GLN A 370 22.98 -7.27 8.88
N MET A 371 22.43 -6.34 9.65
CA MET A 371 23.11 -5.78 10.80
C MET A 371 22.83 -6.63 12.03
N THR A 372 23.86 -6.84 12.85
CA THR A 372 23.73 -7.60 14.08
C THR A 372 23.48 -6.66 15.25
N ASP A 373 22.68 -7.12 16.21
CA ASP A 373 22.30 -6.34 17.39
C ASP A 373 21.71 -4.99 16.98
N ALA A 374 20.79 -5.03 16.01
CA ALA A 374 20.20 -3.83 15.47
C ALA A 374 19.19 -3.24 16.44
N HIS A 375 19.12 -1.90 16.48
CA HIS A 375 18.13 -1.20 17.28
C HIS A 375 16.79 -1.26 16.54
N VAL A 376 15.84 -2.01 17.10
CA VAL A 376 14.57 -2.25 16.45
C VAL A 376 13.43 -2.04 17.45
N TRP A 377 12.22 -1.89 16.92
CA TRP A 377 11.04 -1.68 17.75
C TRP A 377 10.42 -2.99 18.25
N ASN A 378 10.85 -4.13 17.72
CA ASN A 378 10.36 -5.42 18.16
C ASN A 378 11.45 -6.46 17.95
N LYS A 379 11.43 -7.49 18.79
CA LYS A 379 12.50 -8.48 18.80
C LYS A 379 12.64 -9.21 17.48
N SER A 380 11.52 -9.42 16.78
CA SER A 380 11.51 -10.20 15.54
C SER A 380 11.83 -9.36 14.31
N VAL A 381 12.22 -8.10 14.48
CA VAL A 381 12.53 -7.21 13.37
C VAL A 381 14.02 -7.30 13.07
N THR A 382 14.35 -7.39 11.79
CA THR A 382 15.73 -7.42 11.34
C THR A 382 16.03 -6.18 10.49
N LEU A 383 17.30 -5.81 10.43
CA LEU A 383 17.74 -4.61 9.73
C LEU A 383 18.82 -4.98 8.71
N TYR A 384 18.73 -4.39 7.53
CA TYR A 384 19.67 -4.62 6.45
C TYR A 384 20.19 -3.29 5.91
N THR A 385 21.45 -3.30 5.48
CA THR A 385 22.08 -2.14 4.88
C THR A 385 22.22 -2.36 3.37
N VAL A 386 21.82 -1.35 2.60
CA VAL A 386 21.87 -1.43 1.14
C VAL A 386 23.04 -0.59 0.64
N LYS A 387 23.89 -1.19 -0.18
CA LYS A 387 25.00 -0.51 -0.81
C LYS A 387 24.92 -0.64 -2.32
N ASP A 388 25.48 0.33 -3.02
CA ASP A 388 25.67 0.19 -4.45
C ASP A 388 26.80 -0.79 -4.71
N LYS A 389 26.55 -1.75 -5.61
CA LYS A 389 27.53 -2.83 -5.82
C LYS A 389 28.83 -2.31 -6.40
N ALA A 390 28.76 -1.32 -7.29
CA ALA A 390 29.96 -0.84 -7.97
C ALA A 390 30.76 0.12 -7.11
N THR A 391 30.09 1.13 -6.53
CA THR A 391 30.80 2.20 -5.83
C THR A 391 30.89 1.97 -4.33
N GLY A 392 30.11 1.06 -3.77
CA GLY A 392 30.07 0.90 -2.33
C GLY A 392 29.31 1.98 -1.59
N GLU A 393 28.60 2.83 -2.30
CA GLU A 393 27.83 3.90 -1.67
C GLU A 393 26.68 3.31 -0.85
N VAL A 394 26.57 3.73 0.40
CA VAL A 394 25.52 3.27 1.30
C VAL A 394 24.23 4.01 0.90
N LEU A 395 23.34 3.32 0.19
CA LEU A 395 22.12 3.95 -0.28
C LEU A 395 21.09 4.09 0.84
N GLY A 396 20.90 3.05 1.64
CA GLY A 396 19.92 3.12 2.71
C GLY A 396 19.86 1.85 3.50
N GLN A 397 18.84 1.78 4.36
CA GLN A 397 18.56 0.61 5.19
C GLN A 397 17.07 0.32 5.15
N PHE A 398 16.72 -0.93 5.39
CA PHE A 398 15.33 -1.32 5.49
C PHE A 398 15.15 -2.33 6.61
N TYR A 399 13.99 -2.26 7.27
CA TYR A 399 13.61 -3.21 8.31
C TYR A 399 12.67 -4.26 7.73
N LEU A 400 12.68 -5.44 8.35
CA LEU A 400 11.79 -6.54 7.98
C LEU A 400 10.96 -6.91 9.19
N ASP A 401 9.68 -6.57 9.17
CA ASP A 401 8.71 -6.93 10.21
C ASP A 401 7.69 -7.84 9.56
N LEU A 402 7.89 -9.15 9.68
CA LEU A 402 7.19 -10.12 8.86
C LEU A 402 6.07 -10.87 9.57
N TYR A 403 6.11 -10.96 10.90
CA TYR A 403 5.16 -11.82 11.57
C TYR A 403 4.10 -11.01 12.31
N PRO A 404 2.87 -11.49 12.37
CA PRO A 404 1.80 -10.75 13.06
C PRO A 404 1.93 -10.84 14.57
N ARG A 405 1.33 -9.83 15.22
CA ARG A 405 1.28 -9.78 16.68
C ARG A 405 0.16 -8.83 17.07
N GLU A 406 -0.13 -8.79 18.36
CA GLU A 406 -1.22 -7.97 18.86
C GLU A 406 -0.89 -6.48 18.68
N GLY A 407 -1.82 -5.74 18.07
CA GLY A 407 -1.64 -4.33 17.85
C GLY A 407 -0.86 -3.95 16.61
N LYS A 408 -0.34 -4.92 15.86
CA LYS A 408 0.44 -4.64 14.68
C LYS A 408 -0.47 -4.34 13.49
N TYR A 409 0.02 -3.49 12.59
CA TYR A 409 -0.64 -3.23 11.32
C TYR A 409 -0.95 -4.55 10.62
N ASN A 410 -2.23 -4.81 10.38
CA ASN A 410 -2.68 -6.14 9.99
C ASN A 410 -2.66 -6.38 8.48
N HIS A 411 -2.48 -5.35 7.67
CA HIS A 411 -2.45 -5.54 6.22
C HIS A 411 -1.04 -5.85 5.76
N ALA A 412 -0.59 -5.19 4.68
CA ALA A 412 0.76 -5.37 4.17
C ALA A 412 1.15 -4.08 3.46
N ALA A 413 2.20 -3.43 3.95
CA ALA A 413 2.60 -2.14 3.40
C ALA A 413 4.09 -1.93 3.59
N CYS A 414 4.59 -0.85 2.98
CA CYS A 414 5.94 -0.38 3.15
C CYS A 414 5.90 1.06 3.62
N PHE A 415 6.72 1.39 4.62
CA PHE A 415 6.74 2.71 5.21
C PHE A 415 8.06 3.40 4.93
N GLY A 416 8.00 4.66 4.49
CA GLY A 416 9.19 5.46 4.31
C GLY A 416 9.56 6.19 5.59
N LEU A 417 10.68 5.82 6.20
CA LEU A 417 11.08 6.36 7.49
C LEU A 417 12.07 7.52 7.39
N GLN A 418 13.05 7.43 6.48
CA GLN A 418 13.95 8.53 6.22
C GLN A 418 14.04 8.75 4.71
N PRO A 419 13.92 9.98 4.23
CA PRO A 419 14.05 10.24 2.80
C PRO A 419 15.51 10.30 2.36
N GLY A 420 15.75 9.89 1.12
CA GLY A 420 17.08 9.94 0.56
C GLY A 420 17.40 11.25 -0.11
N CYS A 421 17.21 12.35 0.60
CA CYS A 421 17.38 13.70 0.05
C CYS A 421 18.65 14.34 0.61
N LEU A 422 18.86 15.60 0.25
CA LEU A 422 20.02 16.34 0.70
C LEU A 422 19.76 16.98 2.06
N LEU A 423 20.81 17.09 2.85
CA LEU A 423 20.78 17.73 4.16
C LEU A 423 21.22 19.18 4.05
N PRO A 424 20.88 20.02 5.04
CA PRO A 424 21.26 21.44 4.95
C PRO A 424 22.76 21.67 4.81
N ASP A 425 23.59 20.77 5.35
CA ASP A 425 25.04 20.92 5.28
C ASP A 425 25.62 20.46 3.95
N GLY A 426 24.81 19.93 3.04
CA GLY A 426 25.26 19.49 1.75
C GLY A 426 25.30 17.98 1.57
N SER A 427 25.41 17.23 2.65
CA SER A 427 25.48 15.77 2.56
C SER A 427 24.10 15.21 2.24
N ARG A 428 24.08 13.91 1.88
CA ARG A 428 22.85 13.22 1.54
C ARG A 428 22.41 12.35 2.71
N MET A 429 21.14 12.45 3.07
CA MET A 429 20.59 11.65 4.15
C MET A 429 20.35 10.22 3.68
N MET A 430 20.72 9.26 4.52
CA MET A 430 20.52 7.85 4.20
C MET A 430 19.03 7.51 4.25
N ALA A 431 18.53 6.89 3.18
CA ALA A 431 17.14 6.50 3.13
C ALA A 431 16.87 5.32 4.08
N VAL A 432 15.66 5.28 4.63
CA VAL A 432 15.25 4.21 5.52
C VAL A 432 13.83 3.81 5.18
N ALA A 433 13.58 2.51 5.07
CA ALA A 433 12.26 1.97 4.76
C ALA A 433 11.95 0.85 5.75
N ALA A 434 10.68 0.44 5.77
CA ALA A 434 10.24 -0.65 6.63
C ALA A 434 9.20 -1.47 5.89
N LEU A 435 9.43 -2.78 5.79
CA LEU A 435 8.50 -3.71 5.19
C LEU A 435 7.70 -4.38 6.31
N VAL A 436 6.40 -4.11 6.34
CA VAL A 436 5.52 -4.58 7.41
C VAL A 436 4.46 -5.48 6.79
N VAL A 437 4.53 -6.78 7.08
CA VAL A 437 3.58 -7.77 6.61
C VAL A 437 3.24 -8.72 7.76
N ASN A 438 2.31 -9.64 7.50
CA ASN A 438 1.85 -10.61 8.49
C ASN A 438 1.84 -11.99 7.84
N PHE A 439 3.02 -12.59 7.73
CA PHE A 439 3.15 -13.90 7.12
C PHE A 439 2.85 -15.00 8.15
N SER A 440 2.78 -16.23 7.64
CA SER A 440 2.40 -17.36 8.48
C SER A 440 3.44 -17.60 9.58
N GLN A 441 2.95 -17.93 10.77
CA GLN A 441 3.80 -18.24 11.92
C GLN A 441 4.41 -19.62 11.76
N PRO A 442 5.58 -19.86 12.37
CA PRO A 442 6.16 -21.21 12.37
C PRO A 442 5.42 -22.10 13.38
N VAL A 443 4.76 -23.13 12.86
CA VAL A 443 3.95 -24.02 13.68
C VAL A 443 4.31 -25.47 13.37
N ALA A 444 3.85 -26.37 14.24
CA ALA A 444 3.99 -27.81 14.06
C ALA A 444 5.44 -28.25 13.97
N GLY A 445 6.35 -27.50 14.60
CA GLY A 445 7.76 -27.84 14.54
C GLY A 445 8.41 -27.57 13.20
N ARG A 446 7.77 -26.79 12.35
CA ARG A 446 8.29 -26.42 11.04
C ARG A 446 8.61 -24.93 11.00
N PRO A 447 9.49 -24.51 10.09
CA PRO A 447 9.69 -23.08 9.89
C PRO A 447 8.46 -22.43 9.28
N SER A 448 8.49 -21.11 9.18
CA SER A 448 7.41 -20.39 8.52
C SER A 448 7.35 -20.79 7.05
N LEU A 449 6.22 -21.37 6.66
CA LEU A 449 5.99 -21.81 5.28
C LEU A 449 5.04 -20.82 4.62
N LEU A 450 5.50 -20.17 3.56
CA LEU A 450 4.72 -19.16 2.86
C LEU A 450 4.02 -19.77 1.65
N ARG A 451 2.74 -19.45 1.50
CA ARG A 451 2.06 -19.79 0.27
C ARG A 451 2.59 -18.92 -0.87
N HIS A 452 2.23 -19.28 -2.10
CA HIS A 452 2.72 -18.53 -3.25
C HIS A 452 2.19 -17.10 -3.26
N ASP A 453 0.95 -16.89 -2.79
CA ASP A 453 0.43 -15.53 -2.71
C ASP A 453 1.16 -14.71 -1.65
N GLU A 454 1.67 -15.37 -0.61
CA GLU A 454 2.47 -14.65 0.38
C GLU A 454 3.84 -14.30 -0.18
N VAL A 455 4.40 -15.18 -1.01
CA VAL A 455 5.66 -14.86 -1.68
C VAL A 455 5.47 -13.68 -2.63
N ARG A 456 4.33 -13.65 -3.34
CA ARG A 456 4.06 -12.53 -4.24
C ARG A 456 3.87 -11.23 -3.46
N THR A 457 3.24 -11.31 -2.29
CA THR A 457 3.13 -10.14 -1.43
C THR A 457 4.51 -9.69 -0.94
N TYR A 458 5.38 -10.66 -0.62
CA TYR A 458 6.74 -10.34 -0.22
C TYR A 458 7.47 -9.57 -1.32
N PHE A 459 7.28 -9.97 -2.58
CA PHE A 459 7.95 -9.29 -3.68
C PHE A 459 7.31 -7.92 -3.95
N HIS A 460 5.99 -7.82 -3.78
CA HIS A 460 5.32 -6.53 -3.99
C HIS A 460 5.86 -5.49 -3.02
N GLU A 461 5.83 -5.78 -1.73
CA GLU A 461 6.25 -4.80 -0.73
C GLU A 461 7.74 -4.51 -0.82
N PHE A 462 8.55 -5.48 -1.24
CA PHE A 462 9.97 -5.22 -1.43
C PHE A 462 10.22 -4.30 -2.61
N GLY A 463 9.29 -4.25 -3.57
CA GLY A 463 9.40 -3.28 -4.65
C GLY A 463 9.24 -1.85 -4.15
N HIS A 464 8.31 -1.65 -3.21
CA HIS A 464 8.18 -0.35 -2.56
C HIS A 464 9.46 0.00 -1.79
N VAL A 465 10.07 -0.99 -1.15
CA VAL A 465 11.29 -0.76 -0.39
C VAL A 465 12.41 -0.32 -1.33
N MET A 466 12.56 -1.00 -2.46
CA MET A 466 13.60 -0.63 -3.42
C MET A 466 13.35 0.76 -3.98
N HIS A 467 12.09 1.15 -4.16
CA HIS A 467 11.78 2.49 -4.62
C HIS A 467 12.16 3.53 -3.57
N GLN A 468 11.92 3.22 -2.30
CA GLN A 468 12.27 4.15 -1.23
C GLN A 468 13.78 4.30 -1.07
N ILE A 469 14.52 3.20 -1.25
CA ILE A 469 15.96 3.22 -1.02
C ILE A 469 16.69 3.82 -2.22
N CYS A 470 16.32 3.43 -3.43
CA CYS A 470 17.04 3.89 -4.62
C CYS A 470 16.71 5.32 -5.00
N ALA A 471 15.64 5.89 -4.45
CA ALA A 471 15.27 7.27 -4.77
C ALA A 471 16.27 8.23 -4.16
N GLN A 472 16.77 9.16 -4.97
CA GLN A 472 17.71 10.18 -4.51
C GLN A 472 17.32 11.51 -5.13
N THR A 473 16.81 12.43 -4.31
CA THR A 473 16.38 13.75 -4.75
C THR A 473 17.07 14.81 -3.90
N ASP A 474 16.78 16.07 -4.22
CA ASP A 474 17.30 17.18 -3.43
C ASP A 474 16.38 17.57 -2.30
N PHE A 475 15.07 17.42 -2.48
CA PHE A 475 14.08 17.84 -1.50
C PHE A 475 13.34 16.64 -0.94
N ALA A 476 12.97 16.72 0.34
CA ALA A 476 12.30 15.60 0.99
C ALA A 476 10.92 15.34 0.40
N ARG A 477 10.22 16.39 -0.03
CA ARG A 477 8.88 16.21 -0.56
C ARG A 477 8.85 15.48 -1.90
N PHE A 478 10.00 15.34 -2.57
CA PHE A 478 10.09 14.60 -3.81
C PHE A 478 10.81 13.26 -3.65
N SER A 479 11.22 12.90 -2.44
CA SER A 479 12.02 11.71 -2.21
C SER A 479 11.14 10.49 -2.01
N GLY A 480 11.77 9.32 -2.06
CA GLY A 480 11.06 8.09 -1.77
C GLY A 480 10.00 7.80 -2.81
N THR A 481 8.79 7.47 -2.33
CA THR A 481 7.67 7.13 -3.19
C THR A 481 6.67 8.27 -3.33
N ASN A 482 7.14 9.52 -3.22
CA ASN A 482 6.28 10.69 -3.35
C ASN A 482 6.00 10.98 -4.83
N VAL A 483 5.41 9.99 -5.50
CA VAL A 483 5.01 10.12 -6.89
C VAL A 483 3.49 10.16 -6.94
N GLU A 484 2.92 10.16 -8.15
CA GLU A 484 1.48 10.12 -8.29
C GLU A 484 0.92 8.86 -7.65
N THR A 485 -0.27 8.98 -7.05
CA THR A 485 -0.87 7.86 -6.35
C THR A 485 -1.15 6.70 -7.30
N ASP A 486 -1.63 6.99 -8.50
CA ASP A 486 -1.85 5.95 -9.50
C ASP A 486 -0.56 5.51 -10.17
N PHE A 487 0.59 5.93 -9.65
CA PHE A 487 1.89 5.50 -10.15
C PHE A 487 2.74 4.83 -9.08
N VAL A 488 2.44 5.01 -7.79
CA VAL A 488 3.27 4.47 -6.72
C VAL A 488 3.25 2.94 -6.72
N GLU A 489 2.22 2.33 -7.31
CA GLU A 489 2.12 0.88 -7.35
C GLU A 489 2.75 0.27 -8.61
N VAL A 490 3.50 1.06 -9.37
CA VAL A 490 4.21 0.54 -10.54
C VAL A 490 5.44 -0.25 -10.10
N PRO A 491 6.33 0.29 -9.24
CA PRO A 491 7.52 -0.50 -8.87
C PRO A 491 7.19 -1.74 -8.06
N SER A 492 6.08 -1.74 -7.33
CA SER A 492 5.73 -2.89 -6.50
C SER A 492 5.13 -4.02 -7.34
N GLN A 493 4.12 -3.71 -8.15
CA GLN A 493 3.54 -4.72 -9.02
C GLN A 493 4.50 -5.19 -10.10
N MET A 494 5.49 -4.37 -10.44
CA MET A 494 6.49 -4.78 -11.42
C MET A 494 7.27 -5.99 -10.93
N LEU A 495 7.68 -5.98 -9.66
CA LEU A 495 8.50 -7.04 -9.12
C LEU A 495 7.69 -8.31 -8.82
N GLU A 496 6.36 -8.25 -8.87
CA GLU A 496 5.56 -9.46 -8.74
C GLU A 496 5.74 -10.42 -9.91
N ASN A 497 6.20 -9.93 -11.06
CA ASN A 497 6.36 -10.80 -12.22
C ASN A 497 7.45 -11.84 -12.02
N TRP A 498 8.36 -11.63 -11.06
CA TRP A 498 9.43 -12.58 -10.80
C TRP A 498 8.99 -13.81 -10.04
N VAL A 499 7.79 -13.80 -9.43
CA VAL A 499 7.26 -15.01 -8.81
C VAL A 499 6.47 -15.86 -9.80
N TRP A 500 6.42 -15.47 -11.08
CA TRP A 500 5.75 -16.25 -12.11
C TRP A 500 6.73 -16.74 -13.18
N ASP A 501 8.03 -16.74 -12.87
CA ASP A 501 9.05 -17.24 -13.78
C ASP A 501 9.61 -18.54 -13.24
N VAL A 502 9.78 -19.52 -14.13
CA VAL A 502 10.19 -20.86 -13.71
C VAL A 502 11.57 -20.83 -13.06
N ASP A 503 12.55 -20.25 -13.75
CA ASP A 503 13.90 -20.20 -13.21
C ASP A 503 13.98 -19.36 -11.95
N SER A 504 13.19 -18.29 -11.86
CA SER A 504 13.19 -17.47 -10.65
C SER A 504 12.54 -18.22 -9.48
N LEU A 505 11.47 -18.96 -9.75
CA LEU A 505 10.84 -19.75 -8.70
C LEU A 505 11.74 -20.88 -8.22
N ARG A 506 12.60 -21.40 -9.11
CA ARG A 506 13.52 -22.45 -8.71
C ARG A 506 14.59 -21.92 -7.75
N ARG A 507 14.95 -20.66 -7.87
CA ARG A 507 15.89 -20.03 -6.95
C ARG A 507 15.24 -19.58 -5.65
N LEU A 508 13.91 -19.59 -5.58
CA LEU A 508 13.18 -19.17 -4.38
C LEU A 508 12.68 -20.35 -3.56
N SER A 509 12.78 -21.57 -4.06
CA SER A 509 12.12 -22.72 -3.47
C SER A 509 13.13 -23.78 -3.04
N LYS A 510 12.88 -24.38 -1.89
CA LYS A 510 13.65 -25.51 -1.40
C LYS A 510 12.85 -26.16 -0.29
N HIS A 511 12.59 -27.46 -0.41
CA HIS A 511 11.71 -28.13 0.53
C HIS A 511 12.28 -28.06 1.94
N TYR A 512 11.41 -27.74 2.90
CA TYR A 512 11.85 -27.52 4.28
C TYR A 512 12.40 -28.79 4.92
N LYS A 513 12.04 -29.96 4.42
CA LYS A 513 12.43 -31.23 5.04
C LYS A 513 13.69 -31.82 4.40
N ASP A 514 13.62 -32.18 3.12
CA ASP A 514 14.72 -32.84 2.44
C ASP A 514 15.51 -31.91 1.52
N GLY A 515 15.09 -30.66 1.38
CA GLY A 515 15.82 -29.73 0.55
C GLY A 515 15.69 -29.93 -0.94
N SER A 516 14.77 -30.79 -1.39
CA SER A 516 14.58 -31.05 -2.81
C SER A 516 13.85 -29.88 -3.47
N PRO A 517 14.13 -29.60 -4.73
CA PRO A 517 13.43 -28.53 -5.45
C PRO A 517 12.04 -28.99 -5.88
N ILE A 518 11.26 -28.02 -6.34
CA ILE A 518 9.92 -28.32 -6.87
C ILE A 518 10.05 -29.08 -8.17
N ALA A 519 9.17 -30.05 -8.37
CA ALA A 519 9.18 -30.85 -9.59
C ALA A 519 8.93 -29.95 -10.80
N ASP A 520 9.47 -30.37 -11.95
CA ASP A 520 9.36 -29.57 -13.17
C ASP A 520 7.91 -29.41 -13.59
N ASP A 521 7.13 -30.49 -13.57
CA ASP A 521 5.74 -30.41 -13.99
C ASP A 521 4.93 -29.50 -13.07
N LEU A 522 5.10 -29.66 -11.76
CA LEU A 522 4.39 -28.80 -10.82
C LEU A 522 4.84 -27.34 -10.97
N LEU A 523 6.12 -27.12 -11.26
CA LEU A 523 6.61 -25.77 -11.47
C LEU A 523 6.00 -25.14 -12.72
N GLU A 524 5.83 -25.93 -13.78
CA GLU A 524 5.20 -25.41 -14.99
C GLU A 524 3.72 -25.09 -14.74
N LYS A 525 3.04 -25.94 -13.97
CA LYS A 525 1.62 -25.71 -13.68
C LYS A 525 1.42 -24.49 -12.81
N LEU A 526 2.37 -24.19 -11.91
CA LEU A 526 2.24 -23.00 -11.08
C LEU A 526 2.29 -21.73 -11.91
N VAL A 527 3.21 -21.66 -12.87
CA VAL A 527 3.30 -20.49 -13.74
C VAL A 527 2.07 -20.40 -14.63
N ALA A 528 1.59 -21.53 -15.14
CA ALA A 528 0.42 -21.52 -16.02
C ALA A 528 -0.86 -21.15 -15.26
N SER A 529 -0.85 -21.19 -13.94
CA SER A 529 -2.01 -20.87 -13.13
C SER A 529 -2.09 -19.40 -12.75
N ARG A 530 -1.34 -18.53 -13.43
CA ARG A 530 -1.34 -17.12 -13.05
C ARG A 530 -2.69 -16.47 -13.30
N LEU A 531 -3.45 -16.94 -14.29
CA LEU A 531 -4.72 -16.35 -14.66
C LEU A 531 -5.91 -17.14 -14.14
N VAL A 532 -5.73 -17.97 -13.12
CA VAL A 532 -6.86 -18.65 -12.52
C VAL A 532 -7.71 -17.66 -11.76
N ASN A 533 -9.03 -17.75 -11.92
CA ASN A 533 -9.99 -16.87 -11.27
C ASN A 533 -9.77 -15.40 -11.59
N THR A 534 -8.99 -15.10 -12.64
CA THR A 534 -8.65 -13.71 -12.95
C THR A 534 -9.88 -12.89 -13.34
N GLY A 535 -10.92 -13.54 -13.85
CA GLY A 535 -12.13 -12.83 -14.22
C GLY A 535 -12.81 -12.20 -13.02
N LEU A 536 -13.13 -13.03 -12.01
CA LEU A 536 -13.82 -12.53 -10.83
C LEU A 536 -12.88 -11.76 -9.90
N LEU A 537 -11.60 -12.13 -9.85
CA LEU A 537 -10.66 -11.41 -9.00
C LEU A 537 -10.49 -9.97 -9.48
N THR A 538 -10.37 -9.76 -10.80
CA THR A 538 -10.22 -8.42 -11.32
C THR A 538 -11.54 -7.65 -11.27
N LEU A 539 -12.65 -8.34 -11.51
CA LEU A 539 -13.95 -7.67 -11.44
C LEU A 539 -14.22 -7.14 -10.04
N ARG A 540 -13.79 -7.87 -9.00
CA ARG A 540 -13.95 -7.35 -7.64
C ARG A 540 -13.10 -6.11 -7.42
N GLN A 541 -11.93 -6.04 -8.06
CA GLN A 541 -11.12 -4.83 -7.97
C GLN A 541 -11.76 -3.67 -8.72
N ILE A 542 -12.46 -3.97 -9.82
CA ILE A 542 -13.20 -2.92 -10.51
C ILE A 542 -14.37 -2.44 -9.67
N VAL A 543 -15.03 -3.36 -8.96
CA VAL A 543 -16.11 -2.97 -8.06
C VAL A 543 -15.61 -1.99 -7.02
N LEU A 544 -14.46 -2.30 -6.40
CA LEU A 544 -13.89 -1.39 -5.41
C LEU A 544 -13.50 -0.05 -6.04
N SER A 545 -12.99 -0.08 -7.27
CA SER A 545 -12.61 1.15 -7.95
C SER A 545 -13.83 1.99 -8.30
N LYS A 546 -14.91 1.33 -8.75
CA LYS A 546 -16.13 2.07 -9.09
C LYS A 546 -16.78 2.66 -7.84
N VAL A 547 -16.80 1.90 -6.74
CA VAL A 547 -17.38 2.40 -5.50
C VAL A 547 -16.57 3.58 -4.98
N ASP A 548 -15.24 3.49 -5.05
CA ASP A 548 -14.38 4.58 -4.62
C ASP A 548 -14.63 5.84 -5.47
N GLN A 549 -14.81 5.66 -6.78
CA GLN A 549 -15.14 6.80 -7.63
C GLN A 549 -16.53 7.34 -7.33
N SER A 550 -17.50 6.45 -7.11
CA SER A 550 -18.88 6.89 -6.92
C SER A 550 -19.05 7.65 -5.61
N LEU A 551 -18.41 7.19 -4.54
CA LEU A 551 -18.55 7.85 -3.25
C LEU A 551 -17.91 9.23 -3.23
N HIS A 552 -16.99 9.51 -4.16
CA HIS A 552 -16.35 10.81 -4.25
C HIS A 552 -16.83 11.60 -5.47
N THR A 553 -17.86 11.10 -6.16
CA THR A 553 -18.45 11.83 -7.29
C THR A 553 -19.89 12.22 -7.01
N ASN A 554 -20.77 11.26 -6.72
CA ASN A 554 -22.16 11.56 -6.45
C ASN A 554 -22.35 11.95 -4.99
N THR A 555 -23.22 12.92 -4.76
CA THR A 555 -23.52 13.41 -3.42
C THR A 555 -24.76 12.71 -2.87
N SER A 556 -24.77 12.51 -1.55
CA SER A 556 -25.89 11.92 -0.83
C SER A 556 -26.19 10.51 -1.36
N LEU A 557 -25.25 9.61 -1.09
CA LEU A 557 -25.38 8.20 -1.45
C LEU A 557 -25.10 7.33 -0.24
N ASP A 558 -25.82 6.20 -0.15
CA ASP A 558 -25.55 5.22 0.88
C ASP A 558 -24.35 4.38 0.45
N ALA A 559 -23.32 4.34 1.29
CA ALA A 559 -22.09 3.64 0.94
C ALA A 559 -22.34 2.14 0.77
N ALA A 560 -23.13 1.54 1.66
CA ALA A 560 -23.40 0.12 1.56
C ALA A 560 -24.27 -0.19 0.34
N SER A 561 -25.23 0.68 0.03
CA SER A 561 -26.10 0.45 -1.12
C SER A 561 -25.33 0.59 -2.42
N GLU A 562 -24.39 1.52 -2.49
CA GLU A 562 -23.60 1.69 -3.71
C GLU A 562 -22.64 0.52 -3.91
N TYR A 563 -22.09 -0.01 -2.82
CA TYR A 563 -21.23 -1.18 -2.92
C TYR A 563 -22.02 -2.41 -3.36
N ALA A 564 -23.21 -2.61 -2.79
CA ALA A 564 -24.06 -3.73 -3.20
C ALA A 564 -24.53 -3.58 -4.64
N LYS A 565 -24.69 -2.33 -5.11
CA LYS A 565 -25.09 -2.11 -6.49
C LYS A 565 -24.05 -2.64 -7.47
N TYR A 566 -22.78 -2.24 -7.28
CA TYR A 566 -21.74 -2.67 -8.21
C TYR A 566 -21.38 -4.14 -8.03
N CYS A 567 -21.58 -4.69 -6.83
CA CYS A 567 -21.34 -6.12 -6.64
C CYS A 567 -22.27 -6.95 -7.50
N SER A 568 -23.54 -6.53 -7.62
CA SER A 568 -24.51 -7.28 -8.42
C SER A 568 -24.35 -6.98 -9.91
N GLU A 569 -24.03 -5.73 -10.25
CA GLU A 569 -23.96 -5.34 -11.65
C GLU A 569 -22.66 -5.80 -12.30
N ILE A 570 -21.55 -5.76 -11.57
CA ILE A 570 -20.24 -6.02 -12.15
C ILE A 570 -19.73 -7.41 -11.77
N LEU A 571 -19.65 -7.68 -10.47
CA LEU A 571 -19.06 -8.94 -10.02
C LEU A 571 -20.01 -10.12 -10.19
N GLY A 572 -21.31 -9.91 -10.04
CA GLY A 572 -22.27 -10.99 -10.10
C GLY A 572 -22.41 -11.77 -8.80
N VAL A 573 -21.74 -11.34 -7.74
CA VAL A 573 -21.86 -11.95 -6.42
C VAL A 573 -22.43 -10.90 -5.48
N ALA A 574 -23.64 -11.13 -4.99
CA ALA A 574 -24.33 -10.12 -4.20
C ALA A 574 -23.62 -9.88 -2.87
N ALA A 575 -23.70 -8.63 -2.40
CA ALA A 575 -23.21 -8.29 -1.08
C ALA A 575 -24.19 -8.79 -0.03
N THR A 576 -23.65 -9.31 1.07
CA THR A 576 -24.49 -9.87 2.12
C THR A 576 -25.33 -8.78 2.77
N PRO A 577 -26.65 -8.94 2.84
CA PRO A 577 -27.49 -7.93 3.50
C PRO A 577 -27.12 -7.80 4.97
N GLY A 578 -26.95 -6.55 5.41
CA GLY A 578 -26.55 -6.25 6.77
C GLY A 578 -25.10 -5.87 6.93
N THR A 579 -24.26 -6.20 5.96
CA THR A 579 -22.85 -5.85 6.03
C THR A 579 -22.63 -4.43 5.52
N ASN A 580 -21.41 -3.92 5.73
CA ASN A 580 -21.03 -2.59 5.24
C ASN A 580 -19.53 -2.64 4.94
N MET A 581 -19.21 -3.13 3.74
CA MET A 581 -17.82 -3.18 3.30
C MET A 581 -17.16 -1.81 3.26
N PRO A 582 -17.78 -0.74 2.74
CA PRO A 582 -17.11 0.58 2.78
C PRO A 582 -16.72 1.03 4.18
N ALA A 583 -17.43 0.58 5.21
CA ALA A 583 -17.04 0.92 6.58
C ALA A 583 -15.72 0.27 6.97
N THR A 584 -15.29 -0.76 6.26
CA THR A 584 -13.99 -1.40 6.49
C THR A 584 -12.98 -1.03 5.42
N PHE A 585 -13.36 -0.26 4.41
CA PHE A 585 -12.47 0.11 3.32
C PHE A 585 -11.43 1.12 3.80
N GLY A 586 -10.30 0.62 4.29
CA GLY A 586 -9.27 1.49 4.84
C GLY A 586 -8.60 2.39 3.82
N HIS A 587 -8.64 2.03 2.54
CA HIS A 587 -8.02 2.86 1.52
C HIS A 587 -8.71 4.21 1.39
N LEU A 588 -9.99 4.29 1.75
CA LEU A 588 -10.73 5.54 1.65
C LEU A 588 -10.22 6.58 2.64
N ALA A 589 -9.48 6.18 3.66
CA ALA A 589 -8.90 7.09 4.63
C ALA A 589 -7.39 7.01 4.71
N GLY A 590 -6.75 6.20 3.87
CA GLY A 590 -5.30 6.05 3.90
C GLY A 590 -4.60 6.62 2.69
N GLY A 591 -5.13 7.71 2.15
CA GLY A 591 -4.51 8.38 1.02
C GLY A 591 -4.95 7.89 -0.35
N TYR A 592 -5.85 6.91 -0.41
CA TYR A 592 -6.34 6.38 -1.67
C TYR A 592 -7.76 6.82 -1.97
N ASP A 593 -8.23 7.90 -1.35
CA ASP A 593 -9.57 8.40 -1.59
C ASP A 593 -9.70 8.90 -3.03
N GLY A 594 -10.69 8.36 -3.76
CA GLY A 594 -10.90 8.73 -5.14
C GLY A 594 -9.79 8.26 -6.06
N GLN A 595 -8.92 7.39 -5.56
CA GLN A 595 -7.74 6.99 -6.30
C GLN A 595 -7.48 5.48 -6.23
N TYR A 596 -8.45 4.68 -5.79
CA TYR A 596 -8.22 3.24 -5.72
C TYR A 596 -8.06 2.60 -7.09
N TYR A 597 -8.54 3.27 -8.14
CA TYR A 597 -8.31 2.79 -9.51
C TYR A 597 -6.83 2.66 -9.82
N GLY A 598 -5.96 3.33 -9.06
CA GLY A 598 -4.54 3.39 -9.39
C GLY A 598 -3.85 2.04 -9.40
N TYR A 599 -4.39 1.04 -8.70
CA TYR A 599 -3.79 -0.29 -8.73
C TYR A 599 -3.89 -0.90 -10.13
N LEU A 600 -5.10 -0.95 -10.68
CA LEU A 600 -5.26 -1.43 -12.05
C LEU A 600 -4.60 -0.49 -13.06
N TRP A 601 -4.61 0.81 -12.77
CA TRP A 601 -3.97 1.77 -13.67
C TRP A 601 -2.46 1.58 -13.68
N SER A 602 -1.86 1.26 -12.52
CA SER A 602 -0.43 1.02 -12.47
C SER A 602 -0.05 -0.31 -13.12
N GLU A 603 -0.94 -1.30 -13.06
CA GLU A 603 -0.62 -2.61 -13.62
C GLU A 603 -0.41 -2.55 -15.12
N VAL A 604 -1.07 -1.62 -15.80
CA VAL A 604 -0.85 -1.45 -17.24
C VAL A 604 0.57 -0.99 -17.50
N PHE A 605 1.09 -0.11 -16.66
CA PHE A 605 2.46 0.38 -16.86
C PHE A 605 3.49 -0.69 -16.51
N SER A 606 3.28 -1.40 -15.40
CA SER A 606 4.25 -2.41 -14.98
C SER A 606 4.30 -3.57 -15.97
N MET A 607 3.14 -4.01 -16.48
CA MET A 607 3.12 -5.09 -17.46
C MET A 607 3.80 -4.66 -18.75
N ASP A 608 3.64 -3.39 -19.14
CA ASP A 608 4.27 -2.91 -20.37
C ASP A 608 5.78 -2.88 -20.23
N MET A 609 6.29 -2.47 -19.08
CA MET A 609 7.74 -2.44 -18.88
C MET A 609 8.32 -3.83 -18.78
N PHE A 610 7.60 -4.75 -18.11
CA PHE A 610 8.13 -6.10 -17.93
C PHE A 610 8.15 -6.87 -19.24
N TYR A 611 7.08 -6.76 -20.04
CA TYR A 611 7.02 -7.51 -21.29
C TYR A 611 7.91 -6.91 -22.37
N SER A 612 7.92 -5.58 -22.49
CA SER A 612 8.64 -4.92 -23.58
C SER A 612 10.13 -4.79 -23.33
N CYS A 613 10.58 -4.85 -22.07
CA CYS A 613 11.99 -4.68 -21.76
C CYS A 613 12.57 -5.90 -21.05
N PHE A 614 12.03 -6.30 -19.91
CA PHE A 614 12.63 -7.38 -19.14
C PHE A 614 12.42 -8.73 -19.83
N LYS A 615 11.18 -9.06 -20.17
CA LYS A 615 10.86 -10.38 -20.71
C LYS A 615 11.43 -10.60 -22.11
N LYS A 616 11.88 -9.55 -22.79
CA LYS A 616 12.40 -9.71 -24.15
C LYS A 616 13.89 -10.00 -24.17
N GLU A 617 14.66 -9.43 -23.26
CA GLU A 617 16.11 -9.61 -23.23
C GLU A 617 16.57 -10.04 -21.84
N GLY A 618 15.90 -11.04 -21.28
CA GLY A 618 16.27 -11.60 -20.00
C GLY A 618 15.79 -10.80 -18.82
N ILE A 619 15.00 -11.42 -17.94
CA ILE A 619 14.47 -10.71 -16.77
C ILE A 619 15.51 -10.52 -15.69
N MET A 620 16.68 -11.14 -15.82
CA MET A 620 17.79 -10.94 -14.89
C MET A 620 18.92 -10.12 -15.52
N ASN A 621 18.66 -9.47 -16.65
CA ASN A 621 19.67 -8.70 -17.35
C ASN A 621 20.13 -7.52 -16.49
N PRO A 622 21.41 -7.42 -16.13
CA PRO A 622 21.85 -6.30 -15.30
C PRO A 622 21.75 -4.95 -16.00
N GLU A 623 21.85 -4.92 -17.33
CA GLU A 623 21.73 -3.65 -18.05
C GLU A 623 20.29 -3.12 -17.98
N VAL A 624 19.32 -4.00 -18.20
CA VAL A 624 17.92 -3.58 -18.11
C VAL A 624 17.56 -3.25 -16.66
N GLY A 625 18.15 -3.98 -15.70
CA GLY A 625 17.86 -3.71 -14.30
C GLY A 625 18.40 -2.37 -13.85
N MET A 626 19.61 -2.03 -14.29
CA MET A 626 20.19 -0.73 -13.92
C MET A 626 19.43 0.41 -14.58
N LYS A 627 18.97 0.21 -15.83
CA LYS A 627 18.16 1.22 -16.49
C LYS A 627 16.84 1.43 -15.77
N TYR A 628 16.28 0.35 -15.20
CA TYR A 628 15.04 0.48 -14.44
C TYR A 628 15.26 1.23 -13.14
N ARG A 629 16.42 1.04 -12.50
CA ARG A 629 16.68 1.73 -11.25
C ARG A 629 16.93 3.21 -11.47
N ASN A 630 17.71 3.56 -12.51
CA ASN A 630 18.10 4.94 -12.73
C ASN A 630 16.96 5.79 -13.27
N LEU A 631 16.03 5.20 -14.01
CA LEU A 631 14.99 5.97 -14.68
C LEU A 631 13.64 5.92 -13.97
N ILE A 632 13.36 4.87 -13.22
CA ILE A 632 12.07 4.70 -12.56
C ILE A 632 12.18 4.92 -11.05
N LEU A 633 13.18 4.32 -10.42
CA LEU A 633 13.31 4.37 -8.96
C LEU A 633 14.11 5.59 -8.50
N LYS A 634 15.27 5.84 -9.12
CA LYS A 634 16.14 6.90 -8.64
C LYS A 634 15.52 8.30 -8.70
N PRO A 635 14.79 8.71 -9.74
CA PRO A 635 14.23 10.07 -9.73
C PRO A 635 13.23 10.31 -8.60
N GLY A 636 12.59 9.27 -8.08
CA GLY A 636 11.59 9.49 -7.05
C GLY A 636 10.45 10.33 -7.58
N GLY A 637 10.04 11.31 -6.78
CA GLY A 637 9.01 12.25 -7.18
C GLY A 637 9.51 13.52 -7.84
N SER A 638 10.81 13.58 -8.17
CA SER A 638 11.36 14.77 -8.82
C SER A 638 10.96 14.87 -10.30
N LEU A 639 10.27 13.87 -10.84
CA LEU A 639 9.79 13.91 -12.21
C LEU A 639 8.37 13.36 -12.26
N ASP A 640 7.65 13.74 -13.30
CA ASP A 640 6.31 13.21 -13.50
C ASP A 640 6.37 11.73 -13.84
N GLY A 641 5.35 10.99 -13.42
CA GLY A 641 5.33 9.56 -13.66
C GLY A 641 5.38 9.21 -15.14
N MET A 642 4.64 9.96 -15.96
CA MET A 642 4.63 9.68 -17.40
C MET A 642 5.99 9.98 -18.03
N ASP A 643 6.72 10.98 -17.51
CA ASP A 643 8.03 11.29 -18.05
C ASP A 643 9.02 10.16 -17.80
N MET A 644 8.97 9.55 -16.61
CA MET A 644 9.87 8.45 -16.30
C MET A 644 9.55 7.21 -17.13
N LEU A 645 8.27 6.98 -17.43
CA LEU A 645 7.90 5.89 -18.32
C LEU A 645 8.41 6.14 -19.73
N HIS A 646 8.40 7.39 -20.17
CA HIS A 646 8.89 7.72 -21.50
C HIS A 646 10.39 7.46 -21.61
N ASN A 647 11.16 7.80 -20.58
CA ASN A 647 12.60 7.61 -20.63
C ASN A 647 12.97 6.13 -20.61
N PHE A 648 12.16 5.30 -19.97
CA PHE A 648 12.47 3.87 -19.87
C PHE A 648 12.02 3.11 -21.11
N LEU A 649 10.87 3.47 -21.67
CA LEU A 649 10.33 2.76 -22.82
C LEU A 649 10.69 3.41 -24.15
N LYS A 650 11.17 4.65 -24.13
CA LYS A 650 11.49 5.41 -25.35
C LYS A 650 10.27 5.58 -26.25
N ARG A 651 9.08 5.55 -25.65
CA ARG A 651 7.82 5.69 -26.37
C ARG A 651 6.72 5.93 -25.33
N GLU A 652 5.47 5.83 -25.77
CA GLU A 652 4.29 5.93 -24.92
C GLU A 652 3.83 4.55 -24.48
N PRO A 653 3.32 4.41 -23.26
CA PRO A 653 2.80 3.11 -22.82
C PRO A 653 1.47 2.80 -23.47
N ASN A 654 1.16 1.52 -23.57
CA ASN A 654 -0.09 1.05 -24.15
C ASN A 654 -0.53 -0.21 -23.41
N GLN A 655 -1.77 -0.63 -23.67
CA GLN A 655 -2.38 -1.76 -22.99
C GLN A 655 -2.11 -3.09 -23.67
N LYS A 656 -1.29 -3.12 -24.72
CA LYS A 656 -1.05 -4.36 -25.45
C LYS A 656 -0.44 -5.42 -24.54
N ALA A 657 0.59 -5.05 -23.79
CA ALA A 657 1.19 -6.00 -22.86
C ALA A 657 0.26 -6.31 -21.69
N PHE A 658 -0.51 -5.32 -21.24
CA PHE A 658 -1.44 -5.54 -20.14
C PHE A 658 -2.56 -6.49 -20.55
N LEU A 659 -3.17 -6.25 -21.72
CA LEU A 659 -4.25 -7.11 -22.17
C LEU A 659 -3.75 -8.51 -22.54
N MET A 660 -2.53 -8.61 -23.08
CA MET A 660 -1.98 -9.92 -23.44
C MET A 660 -1.73 -10.77 -22.21
N SER A 661 -1.23 -10.16 -21.13
CA SER A 661 -1.00 -10.90 -19.89
C SER A 661 -2.31 -11.29 -19.21
N ARG A 662 -3.42 -10.63 -19.55
CA ARG A 662 -4.72 -10.96 -18.99
C ARG A 662 -5.52 -11.90 -19.89
N GLY A 663 -4.99 -12.27 -21.06
CA GLY A 663 -5.72 -13.11 -21.98
C GLY A 663 -6.91 -12.43 -22.62
N LEU A 664 -6.78 -11.15 -22.96
CA LEU A 664 -7.85 -10.36 -23.54
C LEU A 664 -7.41 -9.82 -24.90
N HIS A 665 -8.24 -8.94 -25.46
CA HIS A 665 -7.98 -8.31 -26.76
C HIS A 665 -7.76 -9.34 -27.86
N TYR B 1 -0.64 4.15 3.35
N TYR B 1 7.15 4.57 0.66
CA TYR B 1 0.48 3.60 4.11
CA TYR B 1 5.84 4.30 1.23
C TYR B 1 1.69 3.40 3.21
C TYR B 1 4.98 3.45 0.30
N GLY B 2 1.43 2.92 1.99
N GLY B 2 3.67 3.45 0.56
CA GLY B 2 2.49 2.69 1.03
CA GLY B 2 2.74 2.67 -0.22
C GLY B 2 2.65 1.23 0.65
C GLY B 2 2.77 1.19 0.14
N GLY B 3 1.53 0.53 0.46
N GLY B 3 1.66 0.53 -0.16
CA GLY B 3 1.57 -0.87 0.09
CA GLY B 3 1.57 -0.90 0.12
C GLY B 3 0.23 -1.43 -0.32
C GLY B 3 0.23 -1.44 -0.33
N PHE B 4 0.05 -2.74 -0.13
CA PHE B 4 -1.18 -3.42 -0.48
C PHE B 4 -2.39 -2.85 0.25
N ARG B 6 -3.52 -3.63 -2.81
CA ARG B 6 -4.95 -3.57 -3.07
C ARG B 6 -5.72 -4.33 -2.00
N ARG B 7 -7.04 -4.12 -1.98
CA ARG B 7 -7.90 -4.79 -1.02
C ARG B 7 -8.34 -6.15 -1.56
ZN ZN C . 1.71 -1.47 -3.16
C1 EDO D . 8.11 2.53 19.70
O1 EDO D . 9.23 1.69 19.37
C2 EDO D . 8.54 3.59 20.72
O2 EDO D . 9.53 4.44 20.13
C1 EDO E . 9.29 -33.60 -0.95
O1 EDO E . 10.08 -34.79 -0.86
C2 EDO E . 7.89 -33.96 -1.42
O2 EDO E . 7.32 -34.92 -0.51
C1 EDO F . -15.19 -12.18 1.28
O1 EDO F . -14.82 -11.12 2.17
C2 EDO F . -16.61 -11.95 0.78
O2 EDO F . -16.66 -10.74 0.01
CL CL G . -7.03 31.00 7.93
#